data_6BUC
#
_entry.id   6BUC
#
_entity_poly.entity_id   1
_entity_poly.type   'polypeptide(L)'
_entity_poly.pdbx_seq_one_letter_code
;ACKDNLPAATCSNVKANNNCSSEKYKTNCAKTCGEC
;
_entity_poly.pdbx_strand_id   A
#
# COMPACT_ATOMS: atom_id res chain seq x y z
N ALA A 1 10.33 1.00 6.29
CA ALA A 1 9.06 1.65 5.83
C ALA A 1 7.91 0.70 6.04
N CYS A 2 7.91 -0.02 7.18
CA CYS A 2 6.84 -0.96 7.45
C CYS A 2 5.78 -0.20 8.19
N LYS A 3 4.90 0.48 7.44
CA LYS A 3 3.84 1.25 8.06
C LYS A 3 2.58 0.95 7.30
N ASP A 4 1.43 0.98 8.00
CA ASP A 4 0.17 0.71 7.36
C ASP A 4 -0.80 1.76 7.81
N ASN A 5 -1.17 2.67 6.90
CA ASN A 5 -2.12 3.71 7.25
C ASN A 5 -3.46 3.24 6.77
N LEU A 6 -3.46 2.13 6.00
CA LEU A 6 -4.68 1.60 5.49
C LEU A 6 -4.70 0.15 5.87
N PRO A 7 -5.88 -0.41 5.92
CA PRO A 7 -6.06 -1.82 6.28
C PRO A 7 -5.46 -2.73 5.26
N ALA A 8 -5.19 -3.95 5.67
CA ALA A 8 -4.58 -4.91 4.77
C ALA A 8 -5.57 -5.21 3.67
N ALA A 9 -6.86 -5.26 4.00
CA ALA A 9 -7.87 -5.55 3.00
C ALA A 9 -7.82 -4.48 1.93
N THR A 10 -7.68 -3.20 2.35
CA THR A 10 -7.64 -2.12 1.38
C THR A 10 -6.32 -2.16 0.67
N CYS A 11 -5.22 -2.31 1.42
CA CYS A 11 -3.89 -2.34 0.80
C CYS A 11 -3.85 -3.50 -0.16
N SER A 12 -4.52 -4.60 0.18
CA SER A 12 -4.53 -5.77 -0.70
C SER A 12 -5.19 -5.38 -1.98
N ASN A 13 -6.29 -4.62 -1.87
CA ASN A 13 -7.01 -4.20 -3.06
C ASN A 13 -6.15 -3.17 -3.75
N VAL A 14 -5.42 -2.38 -2.96
CA VAL A 14 -4.56 -1.36 -3.53
C VAL A 14 -3.51 -2.05 -4.33
N LYS A 15 -2.95 -3.10 -3.77
CA LYS A 15 -1.93 -3.83 -4.44
C LYS A 15 -2.57 -4.59 -5.57
N ALA A 16 -3.79 -5.10 -5.35
CA ALA A 16 -4.47 -5.87 -6.39
C ALA A 16 -4.99 -4.90 -7.42
N ASN A 17 -4.85 -3.60 -7.15
CA ASN A 17 -5.34 -2.61 -8.09
C ASN A 17 -4.14 -1.96 -8.70
N ASN A 18 -2.93 -2.33 -8.20
CA ASN A 18 -1.71 -1.76 -8.73
C ASN A 18 -1.73 -0.29 -8.41
N ASN A 19 -2.51 0.10 -7.37
CA ASN A 19 -2.58 1.50 -6.99
C ASN A 19 -1.40 1.76 -6.10
N CYS A 20 -0.63 0.69 -5.81
CA CYS A 20 0.54 0.82 -4.98
C CYS A 20 1.57 1.59 -5.75
N SER A 21 1.27 1.86 -7.05
CA SER A 21 2.21 2.60 -7.86
C SER A 21 1.85 4.06 -7.73
N SER A 22 0.83 4.35 -6.89
CA SER A 22 0.42 5.72 -6.70
C SER A 22 1.03 6.18 -5.41
N GLU A 23 1.39 7.48 -5.36
CA GLU A 23 2.00 8.01 -4.15
C GLU A 23 0.92 8.13 -3.11
N LYS A 24 -0.33 7.83 -3.51
CA LYS A 24 -1.41 7.92 -2.61
C LYS A 24 -1.37 6.69 -1.72
N TYR A 25 -0.70 5.61 -2.21
CA TYR A 25 -0.65 4.40 -1.41
C TYR A 25 0.79 4.04 -1.19
N LYS A 26 1.73 4.80 -1.78
CA LYS A 26 3.15 4.48 -1.57
C LYS A 26 3.53 5.02 -0.23
N THR A 27 2.60 5.72 0.44
CA THR A 27 2.89 6.26 1.74
C THR A 27 1.80 5.84 2.68
N ASN A 28 0.93 4.90 2.23
CA ASN A 28 -0.14 4.44 3.08
C ASN A 28 -0.08 2.94 3.10
N CYS A 29 0.34 2.32 1.98
CA CYS A 29 0.43 0.88 1.93
C CYS A 29 1.80 0.55 1.43
N ALA A 30 2.81 1.27 1.94
CA ALA A 30 4.18 1.04 1.51
C ALA A 30 4.55 -0.38 1.88
N LYS A 31 4.08 -0.86 3.03
CA LYS A 31 4.42 -2.20 3.46
C LYS A 31 3.89 -3.19 2.42
N THR A 32 2.65 -2.96 1.95
CA THR A 32 2.07 -3.86 0.96
C THR A 32 2.74 -3.60 -0.36
N CYS A 33 3.08 -2.32 -0.62
CA CYS A 33 3.72 -1.97 -1.87
C CYS A 33 5.01 -2.74 -1.96
N GLY A 34 5.74 -2.83 -0.82
CA GLY A 34 7.00 -3.57 -0.83
C GLY A 34 8.11 -2.59 -0.57
N GLU A 35 7.74 -1.35 -0.16
CA GLU A 35 8.75 -0.35 0.10
C GLU A 35 9.53 -0.83 1.30
N CYS A 36 8.83 -1.47 2.27
CA CYS A 36 9.50 -1.96 3.44
C CYS A 36 10.40 -3.12 3.00
N ALA A 1 9.94 2.13 5.90
CA ALA A 1 8.57 2.34 5.35
C ALA A 1 7.68 1.16 5.69
N CYS A 2 7.96 0.51 6.84
CA CYS A 2 7.17 -0.63 7.24
C CYS A 2 6.07 -0.11 8.12
N LYS A 3 4.96 0.33 7.49
CA LYS A 3 3.86 0.84 8.26
C LYS A 3 2.63 0.70 7.41
N ASP A 4 1.44 0.70 8.06
CA ASP A 4 0.22 0.56 7.31
C ASP A 4 -0.72 1.64 7.80
N ASN A 5 -1.06 2.58 6.91
CA ASN A 5 -1.97 3.65 7.30
C ASN A 5 -3.33 3.25 6.81
N LEU A 6 -3.39 2.13 6.08
CA LEU A 6 -4.64 1.66 5.55
C LEU A 6 -4.73 0.20 5.91
N PRO A 7 -5.94 -0.31 5.94
CA PRO A 7 -6.18 -1.70 6.26
C PRO A 7 -5.61 -2.62 5.24
N ALA A 8 -5.40 -3.87 5.64
CA ALA A 8 -4.82 -4.84 4.75
C ALA A 8 -5.81 -5.08 3.63
N ALA A 9 -7.10 -5.09 3.94
CA ALA A 9 -8.11 -5.34 2.91
C ALA A 9 -7.99 -4.26 1.85
N THR A 10 -7.80 -3.00 2.27
CA THR A 10 -7.70 -1.91 1.31
C THR A 10 -6.37 -2.00 0.61
N CYS A 11 -5.30 -2.20 1.39
CA CYS A 11 -3.97 -2.26 0.80
C CYS A 11 -3.93 -3.45 -0.15
N SER A 12 -4.66 -4.51 0.19
CA SER A 12 -4.66 -5.71 -0.66
C SER A 12 -5.28 -5.32 -1.97
N ASN A 13 -6.36 -4.55 -1.93
CA ASN A 13 -7.02 -4.14 -3.15
C ASN A 13 -6.13 -3.14 -3.83
N VAL A 14 -5.43 -2.33 -3.03
CA VAL A 14 -4.54 -1.33 -3.58
C VAL A 14 -3.45 -2.05 -4.29
N LYS A 15 -2.92 -3.10 -3.66
CA LYS A 15 -1.86 -3.85 -4.26
C LYS A 15 -2.44 -4.62 -5.42
N ALA A 16 -3.67 -5.13 -5.25
CA ALA A 16 -4.30 -5.90 -6.31
C ALA A 16 -4.67 -4.94 -7.42
N ASN A 17 -4.53 -3.65 -7.16
CA ASN A 17 -4.86 -2.66 -8.17
C ASN A 17 -3.57 -2.05 -8.64
N ASN A 18 -2.45 -2.43 -7.98
CA ASN A 18 -1.16 -1.90 -8.36
C ASN A 18 -1.20 -0.40 -8.17
N ASN A 19 -2.05 0.06 -7.21
CA ASN A 19 -2.16 1.48 -6.95
C ASN A 19 -1.24 1.79 -5.82
N CYS A 20 -0.50 0.76 -5.33
CA CYS A 20 0.42 0.98 -4.24
C CYS A 20 1.58 1.78 -4.78
N SER A 21 1.71 1.83 -6.12
CA SER A 21 2.80 2.59 -6.73
C SER A 21 2.37 4.03 -6.73
N SER A 22 1.06 4.29 -6.51
CA SER A 22 0.58 5.65 -6.49
C SER A 22 1.03 6.24 -5.20
N GLU A 23 1.28 7.57 -5.20
CA GLU A 23 1.72 8.24 -3.98
C GLU A 23 0.56 8.27 -3.03
N LYS A 24 -0.63 7.82 -3.51
CA LYS A 24 -1.78 7.82 -2.68
C LYS A 24 -1.68 6.63 -1.75
N TYR A 25 -0.91 5.59 -2.16
CA TYR A 25 -0.81 4.42 -1.34
C TYR A 25 0.66 4.08 -1.17
N LYS A 26 1.54 4.89 -1.77
CA LYS A 26 2.96 4.61 -1.65
C LYS A 26 3.37 5.03 -0.26
N THR A 27 2.52 5.82 0.42
CA THR A 27 2.86 6.27 1.75
C THR A 27 1.78 5.79 2.69
N ASN A 28 0.93 4.86 2.21
CA ASN A 28 -0.13 4.36 3.06
C ASN A 28 -0.09 2.86 3.03
N CYS A 29 0.33 2.29 1.87
CA CYS A 29 0.39 0.83 1.76
C CYS A 29 1.73 0.49 1.18
N ALA A 30 2.79 1.15 1.70
CA ALA A 30 4.13 0.88 1.20
C ALA A 30 4.52 -0.53 1.61
N LYS A 31 4.12 -0.93 2.83
CA LYS A 31 4.46 -2.26 3.31
C LYS A 31 3.85 -3.27 2.37
N THR A 32 2.58 -3.05 1.98
CA THR A 32 1.91 -3.98 1.09
C THR A 32 2.55 -3.87 -0.27
N CYS A 33 2.90 -2.63 -0.68
CA CYS A 33 3.51 -2.43 -1.98
C CYS A 33 4.78 -3.25 -2.01
N GLY A 34 5.56 -3.21 -0.90
CA GLY A 34 6.79 -3.97 -0.85
C GLY A 34 7.93 -3.00 -0.87
N GLU A 35 7.60 -1.70 -0.67
CA GLU A 35 8.65 -0.69 -0.66
C GLU A 35 9.52 -0.96 0.53
N CYS A 36 8.90 -1.38 1.65
CA CYS A 36 9.67 -1.67 2.84
C CYS A 36 10.47 -2.96 2.57
N ALA A 1 9.97 1.99 6.38
CA ALA A 1 8.61 2.23 5.82
C ALA A 1 7.73 1.03 6.05
N CYS A 2 7.98 0.31 7.16
CA CYS A 2 7.19 -0.86 7.46
C CYS A 2 6.03 -0.40 8.29
N LYS A 3 4.98 0.11 7.63
CA LYS A 3 3.82 0.58 8.35
C LYS A 3 2.69 0.64 7.36
N ASP A 4 1.44 0.65 7.89
CA ASP A 4 0.30 0.70 7.02
C ASP A 4 -0.68 1.67 7.63
N ASN A 5 -1.08 2.70 6.84
CA ASN A 5 -2.02 3.68 7.34
C ASN A 5 -3.38 3.26 6.85
N LEU A 6 -3.41 2.19 6.02
CA LEU A 6 -4.64 1.71 5.48
C LEU A 6 -4.72 0.26 5.87
N PRO A 7 -5.94 -0.26 5.88
CA PRO A 7 -6.18 -1.66 6.24
C PRO A 7 -5.59 -2.58 5.23
N ALA A 8 -5.38 -3.82 5.65
CA ALA A 8 -4.79 -4.80 4.76
C ALA A 8 -5.76 -5.06 3.64
N ALA A 9 -7.06 -5.05 3.94
CA ALA A 9 -8.05 -5.31 2.90
C ALA A 9 -7.93 -4.24 1.83
N THR A 10 -7.74 -2.99 2.25
CA THR A 10 -7.63 -1.90 1.28
C THR A 10 -6.30 -2.00 0.59
N CYS A 11 -5.23 -2.20 1.38
CA CYS A 11 -3.89 -2.29 0.79
C CYS A 11 -3.87 -3.47 -0.15
N SER A 12 -4.59 -4.53 0.19
CA SER A 12 -4.62 -5.72 -0.66
C SER A 12 -5.24 -5.34 -1.96
N ASN A 13 -6.32 -4.55 -1.89
CA ASN A 13 -6.99 -4.13 -3.11
C ASN A 13 -6.09 -3.15 -3.81
N VAL A 14 -5.35 -2.36 -3.03
CA VAL A 14 -4.44 -1.38 -3.61
C VAL A 14 -3.41 -2.13 -4.37
N LYS A 15 -2.90 -3.18 -3.76
CA LYS A 15 -1.88 -3.96 -4.40
C LYS A 15 -2.53 -4.74 -5.52
N ALA A 16 -3.77 -5.21 -5.30
CA ALA A 16 -4.46 -6.00 -6.33
C ALA A 16 -4.95 -5.05 -7.39
N ASN A 17 -4.77 -3.74 -7.17
CA ASN A 17 -5.22 -2.78 -8.15
C ASN A 17 -4.01 -2.12 -8.72
N ASN A 18 -2.83 -2.49 -8.19
CA ASN A 18 -1.59 -1.90 -8.69
C ASN A 18 -1.66 -0.41 -8.42
N ASN A 19 -2.40 -0.02 -7.36
CA ASN A 19 -2.51 1.39 -7.03
C ASN A 19 -1.30 1.72 -6.21
N CYS A 20 -0.43 0.70 -5.99
CA CYS A 20 0.77 0.93 -5.22
C CYS A 20 1.69 1.81 -6.04
N SER A 21 1.27 2.10 -7.29
CA SER A 21 2.09 2.95 -8.14
C SER A 21 1.66 4.37 -7.88
N SER A 22 0.71 4.56 -6.94
CA SER A 22 0.24 5.88 -6.63
C SER A 22 0.88 6.28 -5.33
N GLU A 23 1.22 7.58 -5.20
CA GLU A 23 1.85 8.05 -3.99
C GLU A 23 0.79 8.09 -2.92
N LYS A 24 -0.46 7.78 -3.30
CA LYS A 24 -1.52 7.78 -2.36
C LYS A 24 -1.42 6.54 -1.54
N TYR A 25 -0.69 5.52 -2.05
CA TYR A 25 -0.59 4.28 -1.32
C TYR A 25 0.88 3.94 -1.16
N LYS A 26 1.77 4.74 -1.76
CA LYS A 26 3.20 4.46 -1.62
C LYS A 26 3.63 4.94 -0.25
N THR A 27 2.72 5.65 0.45
CA THR A 27 3.07 6.15 1.77
C THR A 27 1.98 5.74 2.72
N ASN A 28 1.07 4.84 2.26
CA ASN A 28 -0.01 4.41 3.12
C ASN A 28 0.01 2.90 3.14
N CYS A 29 0.43 2.28 2.03
CA CYS A 29 0.47 0.83 1.97
C CYS A 29 1.86 0.46 1.51
N ALA A 30 2.87 1.13 2.08
CA ALA A 30 4.24 0.84 1.69
C ALA A 30 4.57 -0.59 2.06
N LYS A 31 4.03 -1.06 3.20
CA LYS A 31 4.32 -2.41 3.63
C LYS A 31 3.78 -3.39 2.58
N THR A 32 2.55 -3.13 2.11
CA THR A 32 1.95 -4.02 1.11
C THR A 32 2.64 -3.78 -0.20
N CYS A 33 2.97 -2.52 -0.49
CA CYS A 33 3.64 -2.19 -1.73
C CYS A 33 4.94 -2.94 -1.78
N GLY A 34 5.65 -2.99 -0.62
CA GLY A 34 6.91 -3.70 -0.58
C GLY A 34 8.01 -2.68 -0.58
N GLU A 35 7.64 -1.40 -0.33
CA GLU A 35 8.63 -0.34 -0.29
C GLU A 35 9.54 -0.64 0.87
N CYS A 36 8.95 -1.15 1.97
CA CYS A 36 9.75 -1.47 3.14
C CYS A 36 10.70 -2.61 2.75
N ALA A 1 11.53 -0.10 9.92
CA ALA A 1 10.53 0.97 9.70
C ALA A 1 9.61 0.59 8.56
N CYS A 2 8.45 0.00 8.90
CA CYS A 2 7.52 -0.38 7.87
C CYS A 2 6.17 -0.50 8.52
N LYS A 3 5.12 0.06 7.85
CA LYS A 3 3.80 0.00 8.41
C LYS A 3 2.86 0.50 7.36
N ASP A 4 1.53 0.38 7.62
CA ASP A 4 0.55 0.82 6.65
C ASP A 4 -0.43 1.69 7.39
N ASN A 5 -0.93 2.76 6.71
CA ASN A 5 -1.89 3.65 7.33
C ASN A 5 -3.25 3.19 6.89
N LEU A 6 -3.27 2.21 5.96
CA LEU A 6 -4.53 1.70 5.47
C LEU A 6 -4.55 0.24 5.84
N PRO A 7 -5.75 -0.30 5.91
CA PRO A 7 -5.96 -1.71 6.25
C PRO A 7 -5.40 -2.62 5.22
N ALA A 8 -5.14 -3.86 5.61
CA ALA A 8 -4.57 -4.82 4.70
C ALA A 8 -5.59 -5.10 3.61
N ALA A 9 -6.87 -5.12 3.98
CA ALA A 9 -7.91 -5.40 3.00
C ALA A 9 -7.86 -4.33 1.92
N THR A 10 -7.68 -3.06 2.34
CA THR A 10 -7.64 -1.98 1.36
C THR A 10 -6.35 -2.05 0.61
N CYS A 11 -5.24 -2.22 1.34
CA CYS A 11 -3.93 -2.28 0.69
C CYS A 11 -3.93 -3.46 -0.25
N SER A 12 -4.60 -4.54 0.13
CA SER A 12 -4.64 -5.73 -0.73
C SER A 12 -5.34 -5.36 -1.98
N ASN A 13 -6.42 -4.58 -1.86
CA ASN A 13 -7.18 -4.17 -3.03
C ASN A 13 -6.31 -3.19 -3.79
N VAL A 14 -5.55 -2.38 -3.04
CA VAL A 14 -4.68 -1.40 -3.66
C VAL A 14 -3.68 -2.14 -4.47
N LYS A 15 -3.11 -3.18 -3.89
CA LYS A 15 -2.15 -3.96 -4.59
C LYS A 15 -2.86 -4.71 -5.70
N ALA A 16 -4.06 -5.21 -5.40
CA ALA A 16 -4.80 -5.96 -6.40
C ALA A 16 -5.32 -5.00 -7.43
N ASN A 17 -5.05 -3.71 -7.24
CA ASN A 17 -5.52 -2.71 -8.18
C ASN A 17 -4.31 -2.09 -8.79
N ASN A 18 -3.11 -2.49 -8.31
CA ASN A 18 -1.88 -1.94 -8.84
C ASN A 18 -1.89 -0.46 -8.56
N ASN A 19 -2.63 -0.04 -7.50
CA ASN A 19 -2.68 1.36 -7.17
C ASN A 19 -1.50 1.65 -6.30
N CYS A 20 -0.69 0.60 -6.03
CA CYS A 20 0.50 0.76 -5.22
C CYS A 20 1.49 1.57 -6.02
N SER A 21 1.15 1.84 -7.31
CA SER A 21 2.04 2.61 -8.14
C SER A 21 1.62 4.06 -8.00
N SER A 22 0.64 4.32 -7.12
CA SER A 22 0.17 5.67 -6.93
C SER A 22 0.79 6.16 -5.64
N GLU A 23 1.10 7.47 -5.59
CA GLU A 23 1.69 8.03 -4.38
C GLU A 23 0.61 8.10 -3.34
N LYS A 24 -0.62 7.74 -3.72
CA LYS A 24 -1.69 7.78 -2.81
C LYS A 24 -1.59 6.58 -1.92
N TYR A 25 -0.85 5.53 -2.38
CA TYR A 25 -0.73 4.34 -1.57
C TYR A 25 0.72 4.02 -1.39
N LYS A 26 1.63 4.79 -2.03
CA LYS A 26 3.05 4.52 -1.88
C LYS A 26 3.47 5.06 -0.53
N THR A 27 2.56 5.79 0.14
CA THR A 27 2.89 6.35 1.44
C THR A 27 1.82 5.91 2.41
N ASN A 28 0.93 5.01 1.98
CA ASN A 28 -0.12 4.56 2.87
C ASN A 28 -0.08 3.05 2.91
N CYS A 29 0.35 2.42 1.79
CA CYS A 29 0.42 0.98 1.76
C CYS A 29 1.81 0.62 1.31
N ALA A 30 2.82 1.30 1.90
CA ALA A 30 4.19 1.04 1.52
C ALA A 30 4.52 -0.39 1.89
N LYS A 31 3.98 -0.87 3.02
CA LYS A 31 4.28 -2.23 3.45
C LYS A 31 3.77 -3.20 2.39
N THR A 32 2.54 -2.95 1.89
CA THR A 32 1.97 -3.85 0.87
C THR A 32 2.67 -3.58 -0.43
N CYS A 33 2.99 -2.30 -0.70
CA CYS A 33 3.67 -1.96 -1.93
C CYS A 33 4.99 -2.68 -1.94
N GLY A 34 5.66 -2.74 -0.78
CA GLY A 34 6.95 -3.42 -0.71
C GLY A 34 8.01 -2.37 -0.66
N GLU A 35 7.62 -1.11 -0.38
CA GLU A 35 8.60 -0.05 -0.30
C GLU A 35 9.49 -0.35 0.87
N CYS A 36 8.90 -0.86 1.97
CA CYS A 36 9.69 -1.19 3.14
C CYS A 36 9.48 -2.67 3.43
N ALA A 1 10.18 0.95 6.26
CA ALA A 1 8.85 1.51 5.87
C ALA A 1 7.77 0.46 6.02
N CYS A 2 7.85 -0.33 7.11
CA CYS A 2 6.86 -1.36 7.32
C CYS A 2 5.75 -0.75 8.11
N LYS A 3 4.98 0.15 7.48
CA LYS A 3 3.89 0.79 8.17
C LYS A 3 2.73 0.82 7.23
N ASP A 4 1.50 0.76 7.79
CA ASP A 4 0.32 0.79 6.95
C ASP A 4 -0.65 1.75 7.58
N ASN A 5 -1.03 2.81 6.81
CA ASN A 5 -1.97 3.77 7.34
C ASN A 5 -3.33 3.36 6.86
N LEU A 6 -3.36 2.33 5.99
CA LEU A 6 -4.61 1.85 5.47
C LEU A 6 -4.70 0.39 5.84
N PRO A 7 -5.91 -0.13 5.86
CA PRO A 7 -6.15 -1.53 6.20
C PRO A 7 -5.55 -2.44 5.21
N ALA A 8 -5.30 -3.69 5.64
CA ALA A 8 -4.69 -4.66 4.76
C ALA A 8 -5.66 -4.97 3.64
N ALA A 9 -6.96 -4.99 3.95
CA ALA A 9 -7.95 -5.30 2.92
C ALA A 9 -7.85 -4.24 1.82
N THR A 10 -7.70 -2.97 2.21
CA THR A 10 -7.62 -1.91 1.21
C THR A 10 -6.29 -1.98 0.54
N CYS A 11 -5.21 -2.13 1.33
CA CYS A 11 -3.88 -2.18 0.76
C CYS A 11 -3.80 -3.38 -0.16
N SER A 12 -4.48 -4.47 0.21
CA SER A 12 -4.46 -5.68 -0.62
C SER A 12 -5.13 -5.35 -1.92
N ASN A 13 -6.23 -4.57 -1.85
CA ASN A 13 -6.94 -4.22 -3.06
C ASN A 13 -6.06 -3.25 -3.82
N VAL A 14 -5.35 -2.39 -3.07
CA VAL A 14 -4.47 -1.42 -3.68
C VAL A 14 -3.40 -2.18 -4.40
N LYS A 15 -2.83 -3.16 -3.75
CA LYS A 15 -1.79 -3.94 -4.34
C LYS A 15 -2.41 -4.75 -5.47
N ALA A 16 -3.65 -5.23 -5.26
CA ALA A 16 -4.30 -6.05 -6.27
C ALA A 16 -4.80 -5.13 -7.37
N ASN A 17 -4.60 -3.82 -7.18
CA ASN A 17 -5.05 -2.87 -8.18
C ASN A 17 -3.85 -2.18 -8.73
N ASN A 18 -2.66 -2.49 -8.16
CA ASN A 18 -1.44 -1.86 -8.62
C ASN A 18 -1.58 -0.38 -8.39
N ASN A 19 -2.33 0.01 -7.33
CA ASN A 19 -2.51 1.41 -7.04
C ASN A 19 -1.32 1.84 -6.22
N CYS A 20 -0.40 0.88 -5.98
CA CYS A 20 0.79 1.18 -5.21
C CYS A 20 1.60 2.19 -5.99
N SER A 21 1.31 2.33 -7.30
CA SER A 21 2.04 3.28 -8.11
C SER A 21 1.57 4.66 -7.72
N SER A 22 0.41 4.73 -7.03
CA SER A 22 -0.12 6.01 -6.62
C SER A 22 0.55 6.37 -5.33
N GLU A 23 0.81 7.67 -5.11
CA GLU A 23 1.44 8.10 -3.89
C GLU A 23 0.40 8.08 -2.81
N LYS A 24 -0.84 7.71 -3.18
CA LYS A 24 -1.90 7.66 -2.23
C LYS A 24 -1.74 6.38 -1.45
N TYR A 25 -1.00 5.41 -2.02
CA TYR A 25 -0.82 4.16 -1.33
C TYR A 25 0.64 3.82 -1.32
N LYS A 26 1.46 4.65 -1.97
CA LYS A 26 2.88 4.39 -1.99
C LYS A 26 3.45 4.74 -0.63
N THR A 27 2.72 5.59 0.13
CA THR A 27 3.22 5.98 1.44
C THR A 27 2.19 5.58 2.48
N ASN A 28 1.08 4.95 2.04
CA ASN A 28 0.05 4.55 2.99
C ASN A 28 0.05 3.04 3.05
N CYS A 29 0.47 2.39 1.94
CA CYS A 29 0.51 0.94 1.92
C CYS A 29 1.88 0.55 1.49
N ALA A 30 2.89 1.24 2.04
CA ALA A 30 4.27 0.94 1.68
C ALA A 30 4.58 -0.49 2.07
N LYS A 31 4.06 -0.93 3.23
CA LYS A 31 4.35 -2.27 3.69
C LYS A 31 3.79 -3.26 2.67
N THR A 32 2.56 -3.02 2.20
CA THR A 32 1.95 -3.92 1.22
C THR A 32 2.64 -3.73 -0.10
N CYS A 33 2.97 -2.47 -0.42
CA CYS A 33 3.63 -2.18 -1.68
C CYS A 33 4.95 -2.94 -1.69
N GLY A 34 5.65 -2.95 -0.54
CA GLY A 34 6.91 -3.65 -0.47
C GLY A 34 8.00 -2.63 -0.51
N GLU A 35 7.75 -1.45 0.09
CA GLU A 35 8.76 -0.41 0.10
C GLU A 35 9.60 -0.64 1.32
N CYS A 36 9.19 -1.60 2.16
CA CYS A 36 9.93 -1.89 3.36
C CYS A 36 11.31 -2.44 2.93
N ALA A 1 10.64 2.11 6.62
CA ALA A 1 9.61 2.24 5.54
C ALA A 1 8.53 1.20 5.72
N CYS A 2 8.29 0.80 6.98
CA CYS A 2 7.27 -0.20 7.24
C CYS A 2 6.19 0.49 8.01
N LYS A 3 5.00 0.63 7.39
CA LYS A 3 3.90 1.28 8.06
C LYS A 3 2.66 0.95 7.29
N ASP A 4 1.48 1.09 7.96
CA ASP A 4 0.24 0.79 7.29
C ASP A 4 -0.77 1.79 7.78
N ASN A 5 -1.22 2.68 6.86
CA ASN A 5 -2.20 3.68 7.24
C ASN A 5 -3.54 3.17 6.75
N LEU A 6 -3.50 2.07 5.98
CA LEU A 6 -4.72 1.51 5.46
C LEU A 6 -4.69 0.04 5.84
N PRO A 7 -5.87 -0.54 5.91
CA PRO A 7 -6.01 -1.96 6.26
C PRO A 7 -5.42 -2.85 5.23
N ALA A 8 -5.11 -4.08 5.63
CA ALA A 8 -4.50 -5.01 4.71
C ALA A 8 -5.50 -5.33 3.62
N ALA A 9 -6.79 -5.40 3.97
CA ALA A 9 -7.80 -5.72 2.97
C ALA A 9 -7.79 -4.63 1.92
N THR A 10 -7.67 -3.36 2.34
CA THR A 10 -7.67 -2.26 1.38
C THR A 10 -6.36 -2.26 0.66
N CYS A 11 -5.26 -2.41 1.41
CA CYS A 11 -3.93 -2.40 0.79
C CYS A 11 -3.88 -3.53 -0.20
N SER A 12 -4.52 -4.64 0.12
CA SER A 12 -4.50 -5.80 -0.78
C SER A 12 -5.21 -5.39 -2.04
N ASN A 13 -6.31 -4.64 -1.89
CA ASN A 13 -7.05 -4.19 -3.05
C ASN A 13 -6.21 -3.15 -3.76
N VAL A 14 -5.48 -2.36 -2.97
CA VAL A 14 -4.63 -1.33 -3.53
C VAL A 14 -3.58 -2.01 -4.35
N LYS A 15 -3.01 -3.07 -3.80
CA LYS A 15 -2.00 -3.79 -4.50
C LYS A 15 -2.64 -4.52 -5.64
N ALA A 16 -3.87 -5.02 -5.42
CA ALA A 16 -4.57 -5.77 -6.47
C ALA A 16 -5.06 -4.77 -7.49
N ASN A 17 -4.91 -3.49 -7.20
CA ASN A 17 -5.36 -2.46 -8.13
C ASN A 17 -4.15 -1.84 -8.72
N ASN A 18 -2.95 -2.19 -8.19
CA ASN A 18 -1.72 -1.63 -8.71
C ASN A 18 -1.72 -0.15 -8.35
N ASN A 19 -2.53 0.22 -7.32
CA ASN A 19 -2.58 1.60 -6.91
C ASN A 19 -1.41 1.81 -6.00
N CYS A 20 -0.66 0.72 -5.71
CA CYS A 20 0.50 0.82 -4.86
C CYS A 20 1.56 1.55 -5.64
N SER A 21 1.29 1.79 -6.94
CA SER A 21 2.26 2.49 -7.76
C SER A 21 1.94 3.96 -7.66
N SER A 22 0.90 4.30 -6.85
CA SER A 22 0.53 5.68 -6.69
C SER A 22 1.14 6.15 -5.40
N GLU A 23 1.52 7.44 -5.34
CA GLU A 23 2.13 7.98 -4.14
C GLU A 23 1.04 8.14 -3.12
N LYS A 24 -0.22 7.85 -3.54
CA LYS A 24 -1.31 7.97 -2.64
C LYS A 24 -1.30 6.76 -1.75
N TYR A 25 -0.70 5.65 -2.22
CA TYR A 25 -0.68 4.44 -1.42
C TYR A 25 0.75 4.06 -1.15
N LYS A 26 1.71 4.78 -1.73
CA LYS A 26 3.11 4.46 -1.50
C LYS A 26 3.47 5.00 -0.14
N THR A 27 2.52 5.74 0.48
CA THR A 27 2.79 6.31 1.78
C THR A 27 1.67 5.88 2.70
N ASN A 28 0.89 4.87 2.27
CA ASN A 28 -0.20 4.40 3.10
C ASN A 28 -0.14 2.89 3.12
N CYS A 29 0.28 2.29 1.98
CA CYS A 29 0.36 0.85 1.91
C CYS A 29 1.73 0.52 1.42
N ALA A 30 2.75 1.22 1.94
CA ALA A 30 4.11 0.99 1.51
C ALA A 30 4.48 -0.44 1.86
N LYS A 31 3.99 -0.93 3.02
CA LYS A 31 4.31 -2.28 3.43
C LYS A 31 3.81 -3.24 2.37
N THR A 32 2.57 -3.01 1.89
CA THR A 32 2.00 -3.90 0.87
C THR A 32 2.69 -3.60 -0.44
N CYS A 33 3.05 -2.33 -0.65
CA CYS A 33 3.71 -1.95 -1.90
C CYS A 33 4.99 -2.76 -2.00
N GLY A 34 5.71 -2.89 -0.86
CA GLY A 34 6.95 -3.66 -0.90
C GLY A 34 8.06 -2.77 -0.43
N GLU A 35 7.71 -1.57 0.04
CA GLU A 35 8.73 -0.65 0.51
C GLU A 35 9.32 -1.25 1.76
N CYS A 36 8.45 -1.89 2.58
CA CYS A 36 8.94 -2.51 3.80
C CYS A 36 9.75 -3.75 3.39
N ALA A 1 10.26 2.09 6.41
CA ALA A 1 8.89 2.60 6.07
C ALA A 1 7.94 1.44 5.89
N CYS A 2 8.14 0.36 6.68
CA CYS A 2 7.28 -0.79 6.57
C CYS A 2 6.15 -0.58 7.54
N LYS A 3 5.04 -0.01 7.04
CA LYS A 3 3.90 0.22 7.89
C LYS A 3 2.71 0.38 7.00
N ASP A 4 1.49 0.27 7.59
CA ASP A 4 0.30 0.41 6.79
C ASP A 4 -0.60 1.38 7.51
N ASN A 5 -0.96 2.48 6.82
CA ASN A 5 -1.84 3.47 7.42
C ASN A 5 -3.24 3.15 6.96
N LEU A 6 -3.33 2.18 6.03
CA LEU A 6 -4.62 1.79 5.52
C LEU A 6 -4.79 0.33 5.86
N PRO A 7 -6.03 -0.11 5.87
CA PRO A 7 -6.35 -1.50 6.20
C PRO A 7 -5.78 -2.45 5.19
N ALA A 8 -5.60 -3.69 5.62
CA ALA A 8 -5.04 -4.69 4.75
C ALA A 8 -6.00 -4.93 3.61
N ALA A 9 -7.30 -4.89 3.89
CA ALA A 9 -8.29 -5.14 2.84
C ALA A 9 -8.12 -4.08 1.76
N THR A 10 -7.90 -2.82 2.16
CA THR A 10 -7.76 -1.75 1.18
C THR A 10 -6.41 -1.90 0.53
N CYS A 11 -5.37 -2.10 1.33
CA CYS A 11 -4.02 -2.22 0.79
C CYS A 11 -3.99 -3.42 -0.15
N SER A 12 -4.74 -4.46 0.20
CA SER A 12 -4.77 -5.67 -0.64
C SER A 12 -5.35 -5.29 -1.96
N ASN A 13 -6.41 -4.49 -1.94
CA ASN A 13 -7.03 -4.07 -3.18
C ASN A 13 -6.09 -3.13 -3.87
N VAL A 14 -5.37 -2.33 -3.08
CA VAL A 14 -4.43 -1.37 -3.63
C VAL A 14 -3.37 -2.16 -4.34
N LYS A 15 -2.87 -3.19 -3.69
CA LYS A 15 -1.86 -4.01 -4.26
C LYS A 15 -2.47 -4.77 -5.42
N ALA A 16 -3.72 -5.22 -5.25
CA ALA A 16 -4.37 -6.01 -6.30
C ALA A 16 -4.81 -5.05 -7.38
N ASN A 17 -4.60 -3.76 -7.18
CA ASN A 17 -5.00 -2.78 -8.18
C ASN A 17 -3.76 -2.12 -8.68
N ASN A 18 -2.61 -2.47 -8.09
CA ASN A 18 -1.36 -1.87 -8.50
C ASN A 18 -1.47 -0.38 -8.29
N ASN A 19 -2.21 0.01 -7.22
CA ASN A 19 -2.37 1.43 -6.93
C ASN A 19 -1.15 1.85 -6.17
N CYS A 20 -0.22 0.89 -5.96
CA CYS A 20 1.02 1.19 -5.25
C CYS A 20 1.78 2.20 -6.06
N SER A 21 1.44 2.32 -7.36
CA SER A 21 2.12 3.27 -8.21
C SER A 21 1.67 4.65 -7.80
N SER A 22 0.59 4.72 -7.00
CA SER A 22 0.10 6.01 -6.56
C SER A 22 0.76 6.30 -5.26
N GLU A 23 1.06 7.60 -5.02
CA GLU A 23 1.71 7.97 -3.77
C GLU A 23 0.65 7.99 -2.71
N LYS A 24 -0.60 7.66 -3.10
CA LYS A 24 -1.67 7.65 -2.17
C LYS A 24 -1.56 6.37 -1.39
N TYR A 25 -0.85 5.37 -1.95
CA TYR A 25 -0.73 4.10 -1.27
C TYR A 25 0.72 3.72 -1.24
N LYS A 26 1.58 4.52 -1.88
CA LYS A 26 2.99 4.20 -1.89
C LYS A 26 3.54 4.53 -0.52
N THR A 27 2.81 5.38 0.24
CA THR A 27 3.30 5.75 1.56
C THR A 27 2.26 5.38 2.59
N ASN A 28 1.15 4.75 2.12
CA ASN A 28 0.10 4.38 3.06
C ASN A 28 0.04 2.88 3.10
N CYS A 29 0.44 2.22 2.00
CA CYS A 29 0.42 0.77 1.97
C CYS A 29 1.79 0.33 1.54
N ALA A 30 2.82 0.99 2.09
CA ALA A 30 4.18 0.65 1.72
C ALA A 30 4.46 -0.78 2.14
N LYS A 31 3.94 -1.18 3.31
CA LYS A 31 4.19 -2.54 3.79
C LYS A 31 3.60 -3.52 2.78
N THR A 32 2.36 -3.25 2.31
CA THR A 32 1.72 -4.16 1.37
C THR A 32 2.44 -4.01 0.04
N CYS A 33 2.80 -2.77 -0.30
CA CYS A 33 3.47 -2.53 -1.56
C CYS A 33 4.77 -3.29 -1.53
N GLY A 34 5.47 -3.31 -0.38
CA GLY A 34 6.72 -4.02 -0.28
C GLY A 34 7.82 -3.01 -0.20
N GLU A 35 7.45 -1.72 -0.02
CA GLU A 35 8.44 -0.69 0.07
C GLU A 35 8.89 -0.62 1.49
N CYS A 36 10.11 -0.13 1.71
CA CYS A 36 10.63 -0.02 3.06
C CYS A 36 11.91 0.81 2.99
N ALA A 1 10.83 -0.16 8.95
CA ALA A 1 10.13 1.00 8.31
C ALA A 1 8.94 0.51 7.52
N CYS A 2 8.36 -0.63 7.95
CA CYS A 2 7.23 -1.18 7.25
C CYS A 2 6.02 -0.89 8.08
N LYS A 3 5.07 -0.13 7.51
CA LYS A 3 3.87 0.22 8.24
C LYS A 3 2.81 0.51 7.23
N ASP A 4 1.52 0.43 7.65
CA ASP A 4 0.45 0.70 6.74
C ASP A 4 -0.53 1.60 7.45
N ASN A 5 -0.97 2.69 6.76
CA ASN A 5 -1.90 3.61 7.37
C ASN A 5 -3.28 3.17 6.92
N LEU A 6 -3.32 2.23 5.96
CA LEU A 6 -4.58 1.74 5.47
C LEU A 6 -4.65 0.29 5.84
N PRO A 7 -5.85 -0.23 5.90
CA PRO A 7 -6.09 -1.63 6.25
C PRO A 7 -5.51 -2.55 5.24
N ALA A 8 -5.27 -3.79 5.66
CA ALA A 8 -4.70 -4.77 4.77
C ALA A 8 -5.68 -5.05 3.66
N ALA A 9 -6.98 -5.06 3.99
CA ALA A 9 -7.98 -5.34 2.97
C ALA A 9 -7.90 -4.28 1.89
N THR A 10 -7.71 -3.01 2.30
CA THR A 10 -7.64 -1.93 1.31
C THR A 10 -6.32 -2.01 0.61
N CYS A 11 -5.23 -2.17 1.38
CA CYS A 11 -3.90 -2.23 0.78
C CYS A 11 -3.87 -3.42 -0.16
N SER A 12 -4.54 -4.51 0.22
CA SER A 12 -4.55 -5.70 -0.63
C SER A 12 -5.23 -5.35 -1.91
N ASN A 13 -6.32 -4.57 -1.81
CA ASN A 13 -7.05 -4.17 -3.00
C ASN A 13 -6.18 -3.20 -3.76
N VAL A 14 -5.44 -2.38 -3.01
CA VAL A 14 -4.55 -1.40 -3.62
C VAL A 14 -3.52 -2.15 -4.38
N LYS A 15 -2.97 -3.17 -3.77
CA LYS A 15 -1.96 -3.96 -4.40
C LYS A 15 -2.61 -4.74 -5.52
N ALA A 16 -3.85 -5.20 -5.28
CA ALA A 16 -4.55 -5.98 -6.30
C ALA A 16 -5.05 -5.04 -7.36
N ASN A 17 -4.85 -3.73 -7.15
CA ASN A 17 -5.31 -2.76 -8.12
C ASN A 17 -4.10 -2.13 -8.73
N ASN A 18 -2.90 -2.49 -8.20
CA ASN A 18 -1.68 -1.92 -8.72
C ASN A 18 -1.71 -0.43 -8.45
N ASN A 19 -2.47 -0.02 -7.41
CA ASN A 19 -2.55 1.38 -7.07
C ASN A 19 -1.34 1.70 -6.24
N CYS A 20 -0.51 0.67 -6.00
CA CYS A 20 0.70 0.86 -5.21
C CYS A 20 1.63 1.73 -6.02
N SER A 21 1.28 1.98 -7.31
CA SER A 21 2.12 2.80 -8.15
C SER A 21 1.70 4.24 -7.92
N SER A 22 0.65 4.43 -7.11
CA SER A 22 0.17 5.77 -6.84
C SER A 22 0.81 6.21 -5.55
N GLU A 23 1.07 7.53 -5.44
CA GLU A 23 1.69 8.05 -4.23
C GLU A 23 0.62 8.11 -3.18
N LYS A 24 -0.62 7.74 -3.55
CA LYS A 24 -1.70 7.77 -2.62
C LYS A 24 -1.57 6.55 -1.76
N TYR A 25 -0.90 5.50 -2.26
CA TYR A 25 -0.77 4.29 -1.49
C TYR A 25 0.70 3.95 -1.40
N LYS A 26 1.56 4.76 -2.03
CA LYS A 26 2.98 4.48 -1.97
C LYS A 26 3.49 5.01 -0.65
N THR A 27 2.60 5.68 0.12
CA THR A 27 3.02 6.22 1.39
C THR A 27 1.99 5.82 2.42
N ASN A 28 1.03 4.96 2.03
CA ASN A 28 0.00 4.54 2.96
C ASN A 28 0.05 3.04 3.02
N CYS A 29 0.44 2.39 1.89
CA CYS A 29 0.50 0.94 1.87
C CYS A 29 1.88 0.57 1.43
N ALA A 30 2.89 1.24 2.02
CA ALA A 30 4.26 0.98 1.65
C ALA A 30 4.60 -0.46 2.01
N LYS A 31 4.06 -0.95 3.14
CA LYS A 31 4.36 -2.31 3.56
C LYS A 31 3.82 -3.27 2.51
N THR A 32 2.59 -3.03 2.04
CA THR A 32 1.98 -3.91 1.04
C THR A 32 2.69 -3.67 -0.26
N CYS A 33 3.01 -2.40 -0.56
CA CYS A 33 3.69 -2.07 -1.79
C CYS A 33 5.02 -2.81 -1.79
N GLY A 34 5.69 -2.84 -0.62
CA GLY A 34 6.96 -3.53 -0.54
C GLY A 34 8.03 -2.48 -0.45
N GLU A 35 7.63 -1.20 -0.56
CA GLU A 35 8.60 -0.13 -0.48
C GLU A 35 9.17 -0.14 0.91
N CYS A 36 8.29 -0.37 1.92
CA CYS A 36 8.74 -0.40 3.29
C CYS A 36 9.40 0.96 3.58
N ALA A 1 10.06 1.76 6.32
CA ALA A 1 8.71 2.02 5.74
C ALA A 1 7.80 0.85 6.02
N CYS A 2 8.03 0.17 7.16
CA CYS A 2 7.19 -0.97 7.50
C CYS A 2 6.05 -0.44 8.31
N LYS A 3 5.04 0.12 7.63
CA LYS A 3 3.90 0.66 8.34
C LYS A 3 2.78 0.72 7.34
N ASP A 4 1.52 0.78 7.86
CA ASP A 4 0.38 0.84 6.99
C ASP A 4 -0.58 1.84 7.58
N ASN A 5 -0.99 2.84 6.75
CA ASN A 5 -1.91 3.83 7.24
C ASN A 5 -3.28 3.43 6.75
N LEU A 6 -3.32 2.34 5.97
CA LEU A 6 -4.58 1.87 5.45
C LEU A 6 -4.67 0.42 5.82
N PRO A 7 -5.88 -0.09 5.84
CA PRO A 7 -6.14 -1.49 6.18
C PRO A 7 -5.55 -2.43 5.20
N ALA A 8 -5.33 -3.65 5.63
CA ALA A 8 -4.73 -4.64 4.76
C ALA A 8 -5.70 -4.93 3.64
N ALA A 9 -6.99 -4.95 3.94
CA ALA A 9 -7.99 -5.24 2.91
C ALA A 9 -7.88 -4.20 1.81
N THR A 10 -7.72 -2.92 2.20
CA THR A 10 -7.63 -1.87 1.19
C THR A 10 -6.29 -1.96 0.51
N CYS A 11 -5.23 -2.12 1.32
CA CYS A 11 -3.88 -2.20 0.73
C CYS A 11 -3.83 -3.41 -0.17
N SER A 12 -4.56 -4.47 0.19
CA SER A 12 -4.55 -5.69 -0.62
C SER A 12 -5.14 -5.35 -1.95
N ASN A 13 -6.23 -4.58 -1.93
CA ASN A 13 -6.88 -4.21 -3.19
C ASN A 13 -5.97 -3.25 -3.89
N VAL A 14 -5.28 -2.40 -3.12
CA VAL A 14 -4.37 -1.43 -3.68
C VAL A 14 -3.28 -2.19 -4.37
N LYS A 15 -2.76 -3.22 -3.71
CA LYS A 15 -1.71 -4.00 -4.27
C LYS A 15 -2.29 -4.79 -5.42
N ALA A 16 -3.53 -5.28 -5.25
CA ALA A 16 -4.15 -6.09 -6.29
C ALA A 16 -4.60 -5.17 -7.39
N ASN A 17 -4.41 -3.86 -7.20
CA ASN A 17 -4.82 -2.91 -8.23
C ASN A 17 -3.59 -2.19 -8.69
N ASN A 18 -2.44 -2.48 -8.04
CA ASN A 18 -1.20 -1.82 -8.42
C ASN A 18 -1.41 -0.33 -8.24
N ASN A 19 -2.18 0.05 -7.18
CA ASN A 19 -2.43 1.46 -6.95
C ASN A 19 -1.28 1.97 -6.13
N CYS A 20 -0.31 1.07 -5.83
CA CYS A 20 0.86 1.48 -5.06
C CYS A 20 1.57 2.58 -5.84
N SER A 21 1.41 2.56 -7.18
CA SER A 21 2.06 3.57 -8.01
C SER A 21 1.53 4.92 -7.57
N SER A 22 0.31 4.94 -6.99
CA SER A 22 -0.26 6.20 -6.56
C SER A 22 0.39 6.55 -5.26
N GLU A 23 0.63 7.85 -5.04
CA GLU A 23 1.27 8.28 -3.82
C GLU A 23 0.24 8.19 -2.73
N LYS A 24 -1.00 7.80 -3.10
CA LYS A 24 -2.03 7.70 -2.13
C LYS A 24 -1.84 6.40 -1.40
N TYR A 25 -1.08 5.46 -2.00
CA TYR A 25 -0.86 4.19 -1.35
C TYR A 25 0.60 3.88 -1.37
N LYS A 26 1.40 4.76 -1.99
CA LYS A 26 2.83 4.52 -2.05
C LYS A 26 3.40 4.81 -0.69
N THR A 27 2.68 5.65 0.11
CA THR A 27 3.18 5.99 1.43
C THR A 27 2.15 5.56 2.45
N ASN A 28 1.08 4.88 2.00
CA ASN A 28 0.05 4.46 2.94
C ASN A 28 0.04 2.96 2.95
N CYS A 29 0.49 2.33 1.85
CA CYS A 29 0.50 0.88 1.79
C CYS A 29 1.86 0.46 1.33
N ALA A 30 2.90 1.05 1.94
CA ALA A 30 4.26 0.72 1.55
C ALA A 30 4.55 -0.70 2.00
N LYS A 31 4.05 -1.08 3.19
CA LYS A 31 4.30 -2.42 3.69
C LYS A 31 3.71 -3.42 2.72
N THR A 32 2.47 -3.17 2.28
CA THR A 32 1.81 -4.08 1.35
C THR A 32 2.52 -3.96 0.02
N CYS A 33 2.90 -2.73 -0.34
CA CYS A 33 3.58 -2.50 -1.61
C CYS A 33 4.82 -3.37 -1.63
N GLY A 34 5.56 -3.37 -0.50
CA GLY A 34 6.77 -4.17 -0.43
C GLY A 34 7.93 -3.24 -0.47
N GLU A 35 7.67 -1.93 -0.29
CA GLU A 35 8.74 -0.96 -0.32
C GLU A 35 9.62 -1.25 0.88
N CYS A 36 8.99 -1.64 2.01
CA CYS A 36 9.75 -1.94 3.20
C CYS A 36 10.57 -3.20 2.92
N ALA A 1 11.23 -1.81 9.44
CA ALA A 1 10.35 -0.61 9.60
C ALA A 1 9.28 -0.61 8.54
N CYS A 2 8.10 -1.19 8.88
CA CYS A 2 7.02 -1.23 7.93
C CYS A 2 5.81 -0.68 8.62
N LYS A 3 4.93 0.00 7.86
CA LYS A 3 3.74 0.58 8.44
C LYS A 3 2.78 0.84 7.32
N ASP A 4 1.49 1.02 7.66
CA ASP A 4 0.50 1.28 6.64
C ASP A 4 -0.55 2.17 7.25
N ASN A 5 -1.08 3.11 6.45
CA ASN A 5 -2.10 4.01 6.95
C ASN A 5 -3.42 3.43 6.54
N LEU A 6 -3.37 2.32 5.77
CA LEU A 6 -4.56 1.68 5.32
C LEU A 6 -4.46 0.24 5.74
N PRO A 7 -5.60 -0.40 5.87
CA PRO A 7 -5.65 -1.80 6.27
C PRO A 7 -5.08 -2.70 5.23
N ALA A 8 -4.69 -3.90 5.64
CA ALA A 8 -4.09 -4.84 4.72
C ALA A 8 -5.13 -5.24 3.70
N ALA A 9 -6.39 -5.38 4.13
CA ALA A 9 -7.44 -5.78 3.20
C ALA A 9 -7.55 -4.72 2.12
N THR A 10 -7.49 -3.43 2.51
CA THR A 10 -7.61 -2.37 1.52
C THR A 10 -6.34 -2.31 0.71
N CYS A 11 -5.19 -2.38 1.40
CA CYS A 11 -3.92 -2.31 0.69
C CYS A 11 -3.85 -3.47 -0.28
N SER A 12 -4.42 -4.60 0.11
CA SER A 12 -4.39 -5.77 -0.77
C SER A 12 -5.15 -5.42 -2.00
N ASN A 13 -6.30 -4.74 -1.83
CA ASN A 13 -7.10 -4.35 -2.96
C ASN A 13 -6.36 -3.26 -3.69
N VAL A 14 -5.62 -2.43 -2.94
CA VAL A 14 -4.87 -1.35 -3.54
C VAL A 14 -3.83 -1.96 -4.41
N LYS A 15 -3.17 -2.98 -3.90
CA LYS A 15 -2.16 -3.65 -4.64
C LYS A 15 -2.83 -4.40 -5.77
N ALA A 16 -3.99 -4.99 -5.48
CA ALA A 16 -4.70 -5.76 -6.50
C ALA A 16 -5.31 -4.80 -7.47
N ASN A 17 -5.24 -3.50 -7.17
CA ASN A 17 -5.81 -2.51 -8.06
C ASN A 17 -4.67 -1.83 -8.75
N ASN A 18 -3.43 -2.14 -8.31
CA ASN A 18 -2.27 -1.53 -8.92
C ASN A 18 -2.26 -0.08 -8.52
N ASN A 19 -3.04 0.26 -7.45
CA ASN A 19 -3.07 1.62 -6.99
C ASN A 19 -1.83 1.84 -6.18
N CYS A 20 -1.10 0.72 -5.92
CA CYS A 20 0.13 0.82 -5.16
C CYS A 20 1.13 1.56 -6.02
N SER A 21 0.81 1.72 -7.33
CA SER A 21 1.71 2.41 -8.22
C SER A 21 1.41 3.88 -8.10
N SER A 22 0.42 4.23 -7.24
CA SER A 22 0.07 5.62 -7.06
C SER A 22 0.76 6.09 -5.81
N GLU A 23 1.21 7.36 -5.82
CA GLU A 23 1.89 7.91 -4.66
C GLU A 23 0.88 8.11 -3.58
N LYS A 24 -0.40 7.88 -3.92
CA LYS A 24 -1.44 8.04 -2.96
C LYS A 24 -1.42 6.83 -2.07
N TYR A 25 -0.88 5.69 -2.57
CA TYR A 25 -0.86 4.50 -1.76
C TYR A 25 0.58 4.07 -1.56
N LYS A 26 1.53 4.79 -2.18
CA LYS A 26 2.94 4.42 -2.00
C LYS A 26 3.37 4.98 -0.67
N THR A 27 2.49 5.80 -0.04
CA THR A 27 2.84 6.38 1.23
C THR A 27 1.79 5.95 2.22
N ASN A 28 0.87 5.07 1.80
CA ASN A 28 -0.17 4.61 2.70
C ASN A 28 -0.07 3.11 2.77
N CYS A 29 0.35 2.47 1.67
CA CYS A 29 0.46 1.03 1.66
C CYS A 29 1.85 0.71 1.20
N ALA A 30 2.85 1.34 1.84
CA ALA A 30 4.24 1.11 1.46
C ALA A 30 4.59 -0.33 1.77
N LYS A 31 4.09 -0.85 2.91
CA LYS A 31 4.40 -2.22 3.29
C LYS A 31 3.89 -3.15 2.21
N THR A 32 2.65 -2.92 1.74
CA THR A 32 2.09 -3.77 0.70
C THR A 32 2.85 -3.52 -0.58
N CYS A 33 3.20 -2.24 -0.83
CA CYS A 33 3.93 -1.90 -2.03
C CYS A 33 5.24 -2.67 -2.00
N GLY A 34 5.87 -2.75 -0.82
CA GLY A 34 7.13 -3.46 -0.71
C GLY A 34 8.18 -2.48 -0.31
N GLU A 35 7.76 -1.29 0.15
CA GLU A 35 8.71 -0.29 0.56
C GLU A 35 8.74 -0.30 2.06
N CYS A 36 9.94 -0.47 2.63
CA CYS A 36 10.06 -0.49 4.08
C CYS A 36 11.45 0.03 4.42
N ALA A 1 8.99 2.72 6.41
CA ALA A 1 8.09 2.30 5.30
C ALA A 1 7.61 0.88 5.52
N CYS A 2 7.56 0.45 6.80
CA CYS A 2 7.11 -0.89 7.10
C CYS A 2 5.89 -0.76 7.95
N LYS A 3 5.02 0.21 7.59
CA LYS A 3 3.81 0.40 8.34
C LYS A 3 2.72 0.71 7.34
N ASP A 4 1.46 0.40 7.71
CA ASP A 4 0.36 0.66 6.81
C ASP A 4 -0.59 1.57 7.54
N ASN A 5 -0.97 2.68 6.87
CA ASN A 5 -1.90 3.62 7.48
C ASN A 5 -3.27 3.24 7.00
N LEU A 6 -3.32 2.25 6.10
CA LEU A 6 -4.58 1.81 5.58
C LEU A 6 -4.68 0.34 5.91
N PRO A 7 -5.91 -0.15 5.93
CA PRO A 7 -6.18 -1.56 6.24
C PRO A 7 -5.58 -2.48 5.23
N ALA A 8 -5.37 -3.72 5.64
CA ALA A 8 -4.77 -4.69 4.74
C ALA A 8 -5.74 -4.96 3.63
N ALA A 9 -7.04 -4.96 3.93
CA ALA A 9 -8.03 -5.24 2.90
C ALA A 9 -7.92 -4.17 1.81
N THR A 10 -7.72 -2.91 2.21
CA THR A 10 -7.62 -1.83 1.23
C THR A 10 -6.28 -1.93 0.56
N CYS A 11 -5.22 -2.11 1.35
CA CYS A 11 -3.88 -2.20 0.78
C CYS A 11 -3.83 -3.39 -0.16
N SER A 12 -4.53 -4.46 0.20
CA SER A 12 -4.53 -5.66 -0.64
C SER A 12 -5.20 -5.31 -1.93
N ASN A 13 -6.28 -4.52 -1.85
CA ASN A 13 -7.00 -4.13 -3.06
C ASN A 13 -6.10 -3.19 -3.81
N VAL A 14 -5.37 -2.36 -3.06
CA VAL A 14 -4.46 -1.41 -3.67
C VAL A 14 -3.43 -2.18 -4.40
N LYS A 15 -2.88 -3.19 -3.75
CA LYS A 15 -1.88 -3.99 -4.37
C LYS A 15 -2.53 -4.75 -5.50
N ALA A 16 -3.75 -5.23 -5.27
CA ALA A 16 -4.44 -6.01 -6.29
C ALA A 16 -4.90 -5.06 -7.37
N ASN A 17 -4.61 -3.78 -7.20
CA ASN A 17 -5.02 -2.81 -8.20
C ASN A 17 -3.80 -2.14 -8.71
N ASN A 18 -2.62 -2.49 -8.13
CA ASN A 18 -1.38 -1.90 -8.56
C ASN A 18 -1.49 -0.40 -8.34
N ASN A 19 -2.27 0.01 -7.30
CA ASN A 19 -2.41 1.41 -7.02
C ASN A 19 -1.23 1.82 -6.19
N CYS A 20 -0.33 0.85 -5.94
CA CYS A 20 0.86 1.13 -5.16
C CYS A 20 1.70 2.14 -5.93
N SER A 21 1.42 2.28 -7.23
CA SER A 21 2.17 3.22 -8.04
C SER A 21 1.70 4.60 -7.68
N SER A 22 0.56 4.70 -6.97
CA SER A 22 0.04 5.98 -6.58
C SER A 22 0.67 6.34 -5.27
N GLU A 23 0.92 7.65 -5.06
CA GLU A 23 1.53 8.09 -3.82
C GLU A 23 0.47 8.07 -2.76
N LYS A 24 -0.76 7.70 -3.15
CA LYS A 24 -1.84 7.64 -2.23
C LYS A 24 -1.69 6.37 -1.44
N TYR A 25 -0.95 5.39 -2.00
CA TYR A 25 -0.79 4.14 -1.30
C TYR A 25 0.67 3.81 -1.27
N LYS A 26 1.50 4.64 -1.90
CA LYS A 26 2.92 4.37 -1.91
C LYS A 26 3.46 4.72 -0.54
N THR A 27 2.72 5.58 0.21
CA THR A 27 3.19 5.98 1.53
C THR A 27 2.15 5.54 2.55
N ASN A 28 1.04 4.93 2.09
CA ASN A 28 0.01 4.51 3.02
C ASN A 28 0.03 3.01 3.07
N CYS A 29 0.46 2.36 1.97
CA CYS A 29 0.50 0.92 1.93
C CYS A 29 1.88 0.54 1.47
N ALA A 30 2.90 1.25 1.98
CA ALA A 30 4.26 0.97 1.58
C ALA A 30 4.61 -0.45 2.00
N LYS A 31 4.11 -0.87 3.18
CA LYS A 31 4.42 -2.21 3.66
C LYS A 31 3.87 -3.22 2.66
N THR A 32 2.63 -2.97 2.18
CA THR A 32 2.00 -3.88 1.23
C THR A 32 2.70 -3.72 -0.09
N CYS A 33 3.07 -2.46 -0.42
CA CYS A 33 3.73 -2.20 -1.67
C CYS A 33 5.02 -3.00 -1.70
N GLY A 34 5.72 -3.05 -0.55
CA GLY A 34 6.96 -3.83 -0.50
C GLY A 34 8.09 -2.86 -0.39
N GLU A 35 7.78 -1.60 0.00
CA GLU A 35 8.82 -0.61 0.13
C GLU A 35 9.72 -1.06 1.25
N CYS A 36 9.12 -1.66 2.29
CA CYS A 36 9.91 -2.14 3.42
C CYS A 36 10.83 -3.25 2.89
N ALA A 1 9.92 1.42 7.39
CA ALA A 1 8.65 1.69 6.64
C ALA A 1 7.70 0.53 6.79
N CYS A 2 7.80 -0.18 7.94
CA CYS A 2 6.93 -1.31 8.18
C CYS A 2 5.70 -0.79 8.83
N LYS A 3 4.82 -0.15 8.05
CA LYS A 3 3.60 0.39 8.61
C LYS A 3 2.69 0.71 7.47
N ASP A 4 1.38 0.82 7.77
CA ASP A 4 0.43 1.12 6.72
C ASP A 4 -0.63 2.01 7.33
N ASN A 5 -1.09 3.01 6.54
CA ASN A 5 -2.12 3.91 7.05
C ASN A 5 -3.44 3.32 6.62
N LEU A 6 -3.38 2.24 5.83
CA LEU A 6 -4.57 1.61 5.36
C LEU A 6 -4.48 0.17 5.79
N PRO A 7 -5.62 -0.46 5.92
CA PRO A 7 -5.70 -1.87 6.32
C PRO A 7 -5.12 -2.76 5.28
N ALA A 8 -4.76 -3.97 5.69
CA ALA A 8 -4.17 -4.91 4.77
C ALA A 8 -5.19 -5.27 3.73
N ALA A 9 -6.46 -5.37 4.13
CA ALA A 9 -7.50 -5.73 3.17
C ALA A 9 -7.57 -4.65 2.10
N THR A 10 -7.46 -3.37 2.52
CA THR A 10 -7.54 -2.29 1.53
C THR A 10 -6.26 -2.27 0.76
N CYS A 11 -5.12 -2.38 1.45
CA CYS A 11 -3.83 -2.34 0.78
C CYS A 11 -3.78 -3.49 -0.20
N SER A 12 -4.40 -4.62 0.15
CA SER A 12 -4.41 -5.78 -0.73
C SER A 12 -5.15 -5.40 -1.97
N ASN A 13 -6.27 -4.68 -1.80
CA ASN A 13 -7.06 -4.27 -2.94
C ASN A 13 -6.28 -3.20 -3.67
N VAL A 14 -5.55 -2.39 -2.91
CA VAL A 14 -4.77 -1.32 -3.50
C VAL A 14 -3.73 -1.96 -4.36
N LYS A 15 -3.10 -3.00 -3.83
CA LYS A 15 -2.09 -3.68 -4.57
C LYS A 15 -2.76 -4.44 -5.70
N ALA A 16 -3.95 -5.00 -5.41
CA ALA A 16 -4.66 -5.76 -6.44
C ALA A 16 -5.25 -4.78 -7.43
N ASN A 17 -5.14 -3.49 -7.12
CA ASN A 17 -5.69 -2.49 -8.02
C ASN A 17 -4.53 -1.83 -8.70
N ASN A 18 -3.29 -2.19 -8.27
CA ASN A 18 -2.11 -1.60 -8.87
C ASN A 18 -2.10 -0.13 -8.51
N ASN A 19 -2.86 0.24 -7.46
CA ASN A 19 -2.91 1.62 -7.04
C ASN A 19 -1.71 1.84 -6.16
N CYS A 20 -0.97 0.74 -5.88
CA CYS A 20 0.21 0.85 -5.05
C CYS A 20 1.26 1.55 -5.87
N SER A 21 0.96 1.80 -7.17
CA SER A 21 1.91 2.48 -8.01
C SER A 21 1.61 3.96 -7.91
N SER A 22 0.61 4.31 -7.07
CA SER A 22 0.26 5.69 -6.91
C SER A 22 0.91 6.17 -5.64
N GLU A 23 1.32 7.46 -5.63
CA GLU A 23 1.96 8.00 -4.45
C GLU A 23 0.90 8.18 -3.40
N LYS A 24 -0.36 7.91 -3.77
CA LYS A 24 -1.42 8.05 -2.85
C LYS A 24 -1.40 6.84 -1.95
N TYR A 25 -0.81 5.72 -2.44
CA TYR A 25 -0.78 4.52 -1.63
C TYR A 25 0.65 4.12 -1.40
N LYS A 26 1.61 4.82 -2.03
CA LYS A 26 3.01 4.47 -1.83
C LYS A 26 3.42 5.03 -0.49
N THR A 27 2.52 5.82 0.14
CA THR A 27 2.84 6.40 1.43
C THR A 27 1.78 5.95 2.40
N ASN A 28 0.88 5.04 1.96
CA ASN A 28 -0.17 4.57 2.84
C ASN A 28 -0.07 3.08 2.91
N CYS A 29 0.38 2.45 1.81
CA CYS A 29 0.51 1.00 1.79
C CYS A 29 1.89 0.69 1.29
N ALA A 30 2.90 1.37 1.86
CA ALA A 30 4.28 1.15 1.44
C ALA A 30 4.65 -0.29 1.70
N LYS A 31 4.20 -0.85 2.83
CA LYS A 31 4.54 -2.22 3.17
C LYS A 31 3.99 -3.14 2.08
N THR A 32 2.74 -2.90 1.67
CA THR A 32 2.12 -3.75 0.64
C THR A 32 2.74 -3.41 -0.69
N CYS A 33 3.02 -2.12 -0.91
CA CYS A 33 3.61 -1.70 -2.17
C CYS A 33 4.93 -2.41 -2.33
N GLY A 34 5.73 -2.44 -1.25
CA GLY A 34 7.02 -3.12 -1.33
C GLY A 34 8.03 -2.22 -0.70
N GLU A 35 7.98 -2.12 0.63
CA GLU A 35 8.94 -1.28 1.33
C GLU A 35 9.21 -1.95 2.63
N CYS A 36 10.31 -1.53 3.30
CA CYS A 36 10.67 -2.13 4.58
C CYS A 36 11.27 -3.51 4.29
N ALA A 1 9.23 4.75 4.07
CA ALA A 1 7.92 4.19 3.66
C ALA A 1 7.76 2.77 4.16
N CYS A 2 7.29 2.63 5.42
CA CYS A 2 7.12 1.32 5.98
C CYS A 2 5.81 1.32 6.72
N LYS A 3 5.35 0.11 7.13
CA LYS A 3 4.09 0.01 7.86
C LYS A 3 2.99 0.39 6.90
N ASP A 4 1.76 0.52 7.43
CA ASP A 4 0.65 0.87 6.60
C ASP A 4 -0.36 1.58 7.46
N ASN A 5 -1.22 2.40 6.82
CA ASN A 5 -2.24 3.12 7.57
C ASN A 5 -3.56 2.56 7.12
N LEU A 6 -3.64 2.15 5.84
CA LEU A 6 -4.86 1.60 5.32
C LEU A 6 -4.90 0.16 5.74
N PRO A 7 -6.09 -0.38 5.80
CA PRO A 7 -6.30 -1.77 6.19
C PRO A 7 -5.74 -2.71 5.18
N ALA A 8 -5.51 -3.95 5.61
CA ALA A 8 -4.94 -4.93 4.72
C ALA A 8 -5.93 -5.20 3.61
N ALA A 9 -7.23 -5.20 3.92
CA ALA A 9 -8.24 -5.47 2.90
C ALA A 9 -8.15 -4.39 1.84
N THR A 10 -7.98 -3.12 2.27
CA THR A 10 -7.91 -2.04 1.30
C THR A 10 -6.58 -2.11 0.59
N CYS A 11 -5.50 -2.33 1.37
CA CYS A 11 -4.17 -2.40 0.75
C CYS A 11 -4.16 -3.57 -0.19
N SER A 12 -4.97 -4.60 0.08
CA SER A 12 -5.00 -5.77 -0.78
C SER A 12 -5.55 -5.33 -2.10
N ASN A 13 -6.60 -4.50 -2.06
CA ASN A 13 -7.21 -4.03 -3.29
C ASN A 13 -6.24 -3.05 -3.90
N VAL A 14 -5.54 -2.28 -3.05
CA VAL A 14 -4.59 -1.31 -3.54
C VAL A 14 -3.52 -2.06 -4.26
N LYS A 15 -3.05 -3.14 -3.66
CA LYS A 15 -2.04 -3.93 -4.27
C LYS A 15 -2.62 -4.60 -5.47
N ALA A 16 -3.87 -5.07 -5.34
CA ALA A 16 -4.51 -5.76 -6.44
C ALA A 16 -4.83 -4.74 -7.50
N ASN A 17 -4.53 -3.48 -7.23
CA ASN A 17 -4.82 -2.43 -8.18
C ASN A 17 -3.51 -1.86 -8.61
N ASN A 18 -2.41 -2.29 -7.94
CA ASN A 18 -1.09 -1.79 -8.28
C ASN A 18 -1.10 -0.30 -8.02
N ASN A 19 -1.99 0.15 -7.12
CA ASN A 19 -2.07 1.56 -6.81
C ASN A 19 -1.12 1.81 -5.68
N CYS A 20 -0.46 0.74 -5.19
CA CYS A 20 0.48 0.90 -4.10
C CYS A 20 1.68 1.61 -4.66
N SER A 21 1.77 1.66 -6.01
CA SER A 21 2.90 2.33 -6.64
C SER A 21 2.59 3.82 -6.63
N SER A 22 1.36 4.19 -6.26
CA SER A 22 0.99 5.58 -6.22
C SER A 22 1.52 6.13 -4.93
N GLU A 23 1.86 7.45 -4.93
CA GLU A 23 2.38 8.07 -3.72
C GLU A 23 1.24 8.19 -2.76
N LYS A 24 0.01 7.88 -3.23
CA LYS A 24 -1.12 7.97 -2.38
C LYS A 24 -1.15 6.74 -1.51
N TYR A 25 -0.55 5.63 -2.00
CA TYR A 25 -0.57 4.40 -1.23
C TYR A 25 0.85 3.98 -0.94
N LYS A 26 1.85 4.77 -1.41
CA LYS A 26 3.24 4.41 -1.15
C LYS A 26 3.54 4.85 0.26
N THR A 27 2.58 5.55 0.90
CA THR A 27 2.79 6.01 2.24
C THR A 27 1.63 5.54 3.07
N ASN A 28 0.81 4.64 2.50
CA ASN A 28 -0.34 4.16 3.25
C ASN A 28 -0.33 2.65 3.16
N CYS A 29 0.22 2.09 2.06
CA CYS A 29 0.26 0.64 1.90
C CYS A 29 1.65 0.30 1.44
N ALA A 30 2.67 0.89 2.10
CA ALA A 30 4.04 0.62 1.71
C ALA A 30 4.37 -0.82 2.07
N LYS A 31 3.88 -1.28 3.23
CA LYS A 31 4.16 -2.65 3.65
C LYS A 31 3.56 -3.60 2.64
N THR A 32 2.32 -3.32 2.21
CA THR A 32 1.66 -4.20 1.24
C THR A 32 2.38 -4.08 -0.08
N CYS A 33 2.78 -2.85 -0.44
CA CYS A 33 3.46 -2.64 -1.71
C CYS A 33 4.77 -3.39 -1.63
N GLY A 34 5.45 -3.32 -0.47
CA GLY A 34 6.71 -4.01 -0.32
C GLY A 34 7.81 -3.01 -0.57
N GLU A 35 7.57 -1.73 -0.17
CA GLU A 35 8.57 -0.71 -0.38
C GLU A 35 9.75 -1.06 0.47
N CYS A 36 9.50 -1.56 1.69
CA CYS A 36 10.60 -1.93 2.58
C CYS A 36 10.24 -3.29 3.18
N ALA A 1 10.20 1.36 6.69
CA ALA A 1 8.83 1.73 6.18
C ALA A 1 7.88 0.59 6.39
N CYS A 2 8.02 -0.12 7.53
CA CYS A 2 7.14 -1.23 7.82
C CYS A 2 5.98 -0.68 8.57
N LYS A 3 5.07 0.00 7.86
CA LYS A 3 3.91 0.57 8.51
C LYS A 3 2.90 0.84 7.44
N ASP A 4 1.63 1.02 7.83
CA ASP A 4 0.61 1.28 6.86
C ASP A 4 -0.48 2.05 7.56
N ASN A 5 -1.23 2.87 6.79
CA ASN A 5 -2.30 3.64 7.36
C ASN A 5 -3.58 2.98 6.95
N LEU A 6 -3.54 2.30 5.79
CA LEU A 6 -4.71 1.63 5.30
C LEU A 6 -4.57 0.18 5.72
N PRO A 7 -5.69 -0.47 5.85
CA PRO A 7 -5.73 -1.88 6.23
C PRO A 7 -5.14 -2.77 5.20
N ALA A 8 -4.73 -3.96 5.60
CA ALA A 8 -4.12 -4.88 4.66
C ALA A 8 -5.16 -5.26 3.64
N ALA A 9 -6.41 -5.42 4.07
CA ALA A 9 -7.47 -5.81 3.12
C ALA A 9 -7.59 -4.74 2.06
N THR A 10 -7.54 -3.46 2.46
CA THR A 10 -7.66 -2.39 1.49
C THR A 10 -6.39 -2.31 0.70
N CYS A 11 -5.24 -2.42 1.38
CA CYS A 11 -3.97 -2.34 0.68
C CYS A 11 -3.89 -3.51 -0.28
N SER A 12 -4.55 -4.62 0.05
CA SER A 12 -4.54 -5.78 -0.83
C SER A 12 -5.25 -5.40 -2.07
N ASN A 13 -6.37 -4.68 -1.91
CA ASN A 13 -7.13 -4.26 -3.06
C ASN A 13 -6.33 -3.20 -3.77
N VAL A 14 -5.61 -2.38 -2.98
CA VAL A 14 -4.78 -1.33 -3.55
C VAL A 14 -3.76 -1.99 -4.40
N LYS A 15 -3.12 -3.02 -3.86
CA LYS A 15 -2.12 -3.72 -4.59
C LYS A 15 -2.79 -4.42 -5.75
N ALA A 16 -3.97 -4.99 -5.49
CA ALA A 16 -4.68 -5.70 -6.55
C ALA A 16 -5.25 -4.70 -7.50
N ASN A 17 -5.02 -3.41 -7.23
CA ASN A 17 -5.54 -2.38 -8.11
C ASN A 17 -4.37 -1.72 -8.74
N ASN A 18 -3.15 -2.09 -8.31
CA ASN A 18 -1.95 -1.49 -8.86
C ASN A 18 -1.93 -0.05 -8.41
N ASN A 19 -2.68 0.25 -7.32
CA ASN A 19 -2.71 1.61 -6.82
C ASN A 19 -1.47 1.79 -5.98
N CYS A 20 -0.76 0.65 -5.73
CA CYS A 20 0.48 0.72 -4.94
C CYS A 20 1.50 1.41 -5.79
N SER A 21 1.14 1.71 -7.07
CA SER A 21 2.06 2.38 -7.95
C SER A 21 1.77 3.85 -7.85
N SER A 22 0.79 4.23 -6.99
CA SER A 22 0.45 5.62 -6.84
C SER A 22 1.13 6.11 -5.59
N GLU A 23 1.47 7.41 -5.56
CA GLU A 23 2.13 7.96 -4.39
C GLU A 23 1.09 8.15 -3.34
N LYS A 24 -0.19 7.90 -3.69
CA LYS A 24 -1.24 8.06 -2.76
C LYS A 24 -1.24 6.83 -1.87
N TYR A 25 -0.79 5.68 -2.40
CA TYR A 25 -0.79 4.47 -1.61
C TYR A 25 0.62 4.04 -1.39
N LYS A 26 1.59 4.73 -2.00
CA LYS A 26 2.98 4.36 -1.82
C LYS A 26 3.43 4.96 -0.52
N THR A 27 2.52 5.69 0.16
CA THR A 27 2.87 6.31 1.41
C THR A 27 1.82 5.89 2.42
N ASN A 28 0.87 5.03 2.00
CA ASN A 28 -0.17 4.59 2.91
C ASN A 28 -0.11 3.08 2.97
N CYS A 29 0.33 2.44 1.87
CA CYS A 29 0.40 0.99 1.84
C CYS A 29 1.81 0.64 1.46
N ALA A 30 2.79 1.28 2.12
CA ALA A 30 4.19 1.03 1.82
C ALA A 30 4.49 -0.42 2.14
N LYS A 31 3.90 -0.93 3.24
CA LYS A 31 4.17 -2.30 3.64
C LYS A 31 3.69 -3.24 2.53
N THR A 32 2.49 -2.95 1.99
CA THR A 32 1.94 -3.81 0.93
C THR A 32 2.71 -3.55 -0.33
N CYS A 33 3.07 -2.27 -0.58
CA CYS A 33 3.81 -1.96 -1.79
C CYS A 33 5.11 -2.72 -1.74
N GLY A 34 5.76 -2.77 -0.55
CA GLY A 34 7.00 -3.51 -0.42
C GLY A 34 8.11 -2.51 -0.27
N GLU A 35 7.78 -1.30 0.22
CA GLU A 35 8.81 -0.30 0.42
C GLU A 35 9.69 -0.77 1.54
N CYS A 36 9.07 -1.40 2.56
CA CYS A 36 9.83 -1.89 3.68
C CYS A 36 10.72 -3.04 3.18
N ALA A 1 10.35 2.76 6.51
CA ALA A 1 9.43 2.76 5.34
C ALA A 1 8.49 1.59 5.41
N CYS A 2 8.12 1.18 6.65
CA CYS A 2 7.23 0.05 6.82
C CYS A 2 6.15 0.51 7.73
N LYS A 3 4.90 0.57 7.21
CA LYS A 3 3.79 1.00 8.04
C LYS A 3 2.55 0.75 7.25
N ASP A 4 1.38 0.84 7.92
CA ASP A 4 0.13 0.60 7.24
C ASP A 4 -0.86 1.62 7.75
N ASN A 5 -1.26 2.57 6.87
CA ASN A 5 -2.21 3.58 7.28
C ASN A 5 -3.56 3.12 6.78
N LEU A 6 -3.55 2.02 6.00
CA LEU A 6 -4.77 1.50 5.47
C LEU A 6 -4.78 0.04 5.85
N PRO A 7 -5.97 -0.52 5.90
CA PRO A 7 -6.15 -1.93 6.24
C PRO A 7 -5.58 -2.83 5.21
N ALA A 8 -5.30 -4.06 5.60
CA ALA A 8 -4.71 -5.01 4.69
C ALA A 8 -5.70 -5.28 3.58
N ALA A 9 -7.00 -5.33 3.93
CA ALA A 9 -8.01 -5.61 2.92
C ALA A 9 -7.97 -4.51 1.86
N THR A 10 -7.82 -3.25 2.31
CA THR A 10 -7.79 -2.14 1.35
C THR A 10 -6.47 -2.17 0.63
N CYS A 11 -5.37 -2.35 1.38
CA CYS A 11 -4.05 -2.37 0.75
C CYS A 11 -4.02 -3.52 -0.24
N SER A 12 -4.71 -4.61 0.08
CA SER A 12 -4.73 -5.77 -0.81
C SER A 12 -5.38 -5.34 -2.08
N ASN A 13 -6.47 -4.57 -1.97
CA ASN A 13 -7.17 -4.12 -3.15
C ASN A 13 -6.28 -3.09 -3.82
N VAL A 14 -5.55 -2.31 -3.01
CA VAL A 14 -4.66 -1.31 -3.56
C VAL A 14 -3.63 -2.01 -4.37
N LYS A 15 -3.08 -3.08 -3.80
CA LYS A 15 -2.09 -3.82 -4.49
C LYS A 15 -2.75 -4.51 -5.66
N ALA A 16 -3.96 -5.02 -5.45
CA ALA A 16 -4.67 -5.74 -6.51
C ALA A 16 -5.14 -4.71 -7.51
N ASN A 17 -4.89 -3.43 -7.23
CA ASN A 17 -5.32 -2.40 -8.14
C ASN A 17 -4.08 -1.79 -8.73
N ASN A 18 -2.91 -2.22 -8.22
CA ASN A 18 -1.65 -1.68 -8.72
C ASN A 18 -1.62 -0.22 -8.36
N ASN A 19 -2.42 0.18 -7.33
CA ASN A 19 -2.43 1.56 -6.92
C ASN A 19 -1.29 1.75 -5.98
N CYS A 20 -0.58 0.63 -5.69
CA CYS A 20 0.56 0.70 -4.79
C CYS A 20 1.65 1.46 -5.52
N SER A 21 1.43 1.72 -6.84
CA SER A 21 2.43 2.44 -7.60
C SER A 21 2.08 3.89 -7.51
N SER A 22 1.02 4.22 -6.74
CA SER A 22 0.62 5.60 -6.60
C SER A 22 1.18 6.09 -5.29
N GLU A 23 1.57 7.38 -5.26
CA GLU A 23 2.14 7.94 -4.03
C GLU A 23 1.02 8.08 -3.04
N LYS A 24 -0.22 7.79 -3.48
CA LYS A 24 -1.32 7.90 -2.61
C LYS A 24 -1.33 6.69 -1.71
N TYR A 25 -0.68 5.59 -2.16
CA TYR A 25 -0.68 4.39 -1.35
C TYR A 25 0.76 4.00 -1.08
N LYS A 26 1.73 4.73 -1.65
CA LYS A 26 3.12 4.40 -1.41
C LYS A 26 3.47 4.92 -0.04
N THR A 27 2.55 5.69 0.58
CA THR A 27 2.81 6.24 1.88
C THR A 27 1.69 5.80 2.79
N ASN A 28 0.87 4.83 2.33
CA ASN A 28 -0.23 4.36 3.15
C ASN A 28 -0.16 2.85 3.17
N CYS A 29 0.29 2.25 2.06
CA CYS A 29 0.38 0.80 2.00
C CYS A 29 1.77 0.47 1.55
N ALA A 30 2.77 1.14 2.15
CA ALA A 30 4.16 0.90 1.76
C ALA A 30 4.49 -0.54 2.09
N LYS A 31 3.97 -1.04 3.22
CA LYS A 31 4.26 -2.42 3.62
C LYS A 31 3.73 -3.34 2.53
N THR A 32 2.50 -3.07 2.05
CA THR A 32 1.90 -3.94 1.03
C THR A 32 2.64 -3.69 -0.25
N CYS A 33 3.03 -2.43 -0.50
CA CYS A 33 3.74 -2.10 -1.71
C CYS A 33 5.01 -2.90 -1.71
N GLY A 34 5.68 -3.00 -0.54
CA GLY A 34 6.90 -3.77 -0.45
C GLY A 34 8.04 -2.80 -0.43
N GLU A 35 7.78 -1.55 0.01
CA GLU A 35 8.84 -0.56 0.06
C GLU A 35 9.83 -1.02 1.09
N CYS A 36 9.31 -1.59 2.21
CA CYS A 36 10.20 -2.06 3.26
C CYS A 36 10.49 -3.54 2.97
N ALA A 1 9.51 4.61 5.25
CA ALA A 1 8.37 3.96 4.53
C ALA A 1 8.20 2.54 5.02
N CYS A 2 7.29 2.36 6.00
CA CYS A 2 7.07 1.03 6.52
C CYS A 2 5.72 1.05 7.18
N LYS A 3 5.18 -0.15 7.50
CA LYS A 3 3.88 -0.24 8.14
C LYS A 3 2.87 0.25 7.13
N ASP A 4 1.62 0.48 7.58
CA ASP A 4 0.61 0.93 6.70
C ASP A 4 -0.43 1.65 7.51
N ASN A 5 -1.21 2.55 6.86
CA ASN A 5 -2.23 3.28 7.56
C ASN A 5 -3.54 2.70 7.11
N LEU A 6 -3.56 2.15 5.88
CA LEU A 6 -4.75 1.56 5.37
C LEU A 6 -4.73 0.11 5.77
N PRO A 7 -5.90 -0.48 5.85
CA PRO A 7 -6.04 -1.88 6.23
C PRO A 7 -5.47 -2.79 5.19
N ALA A 8 -5.17 -4.01 5.60
CA ALA A 8 -4.59 -4.97 4.69
C ALA A 8 -5.59 -5.26 3.60
N ALA A 9 -6.88 -5.32 3.96
CA ALA A 9 -7.90 -5.63 2.98
C ALA A 9 -7.88 -4.54 1.91
N THR A 10 -7.74 -3.27 2.33
CA THR A 10 -7.74 -2.18 1.38
C THR A 10 -6.44 -2.20 0.64
N CYS A 11 -5.33 -2.37 1.38
CA CYS A 11 -4.02 -2.38 0.74
C CYS A 11 -3.98 -3.52 -0.25
N SER A 12 -4.67 -4.62 0.07
CA SER A 12 -4.69 -5.77 -0.83
C SER A 12 -5.36 -5.33 -2.10
N ASN A 13 -6.45 -4.57 -1.97
CA ASN A 13 -7.15 -4.10 -3.15
C ASN A 13 -6.29 -3.06 -3.81
N VAL A 14 -5.54 -2.30 -2.99
CA VAL A 14 -4.67 -1.27 -3.53
C VAL A 14 -3.63 -1.96 -4.35
N LYS A 15 -3.09 -3.04 -3.82
CA LYS A 15 -2.08 -3.77 -4.53
C LYS A 15 -2.75 -4.46 -5.70
N ALA A 16 -3.97 -4.95 -5.49
CA ALA A 16 -4.68 -5.65 -6.56
C ALA A 16 -5.16 -4.61 -7.55
N ASN A 17 -4.99 -3.34 -7.21
CA ASN A 17 -5.43 -2.29 -8.11
C ASN A 17 -4.20 -1.68 -8.72
N ASN A 18 -3.01 -2.12 -8.23
CA ASN A 18 -1.77 -1.59 -8.75
C ASN A 18 -1.69 -0.14 -8.36
N ASN A 19 -2.49 0.26 -7.33
CA ASN A 19 -2.46 1.63 -6.89
C ASN A 19 -1.30 1.76 -5.95
N CYS A 20 -0.63 0.61 -5.67
CA CYS A 20 0.51 0.63 -4.78
C CYS A 20 1.63 1.31 -5.52
N SER A 21 1.41 1.61 -6.82
CA SER A 21 2.43 2.27 -7.60
C SER A 21 2.21 3.76 -7.46
N SER A 22 1.15 4.14 -6.70
CA SER A 22 0.87 5.54 -6.50
C SER A 22 1.50 5.95 -5.20
N GLU A 23 1.97 7.21 -5.13
CA GLU A 23 2.60 7.68 -3.91
C GLU A 23 1.51 7.90 -2.90
N LYS A 24 0.25 7.72 -3.33
CA LYS A 24 -0.84 7.90 -2.45
C LYS A 24 -0.93 6.67 -1.58
N TYR A 25 -0.40 5.52 -2.07
CA TYR A 25 -0.48 4.31 -1.31
C TYR A 25 0.92 3.82 -1.01
N LYS A 26 1.95 4.50 -1.57
CA LYS A 26 3.31 4.08 -1.30
C LYS A 26 3.68 4.61 0.07
N THR A 27 2.79 5.42 0.66
CA THR A 27 3.06 5.98 1.96
C THR A 27 1.93 5.57 2.88
N ASN A 28 1.01 4.71 2.38
CA ASN A 28 -0.11 4.30 3.21
C ASN A 28 -0.13 2.79 3.22
N CYS A 29 0.41 2.17 2.14
CA CYS A 29 0.42 0.71 2.07
C CYS A 29 1.81 0.31 1.70
N ALA A 30 2.81 0.90 2.38
CA ALA A 30 4.20 0.59 2.08
C ALA A 30 4.43 -0.88 2.35
N LYS A 31 3.81 -1.40 3.42
CA LYS A 31 4.00 -2.81 3.77
C LYS A 31 3.52 -3.68 2.61
N THR A 32 2.32 -3.36 2.06
CA THR A 32 1.77 -4.17 0.96
C THR A 32 2.54 -3.84 -0.29
N CYS A 33 2.87 -2.54 -0.47
CA CYS A 33 3.59 -2.13 -1.65
C CYS A 33 4.92 -2.87 -1.67
N GLY A 34 5.55 -3.01 -0.48
CA GLY A 34 6.81 -3.70 -0.42
C GLY A 34 7.90 -2.67 -0.36
N GLU A 35 7.51 -1.41 -0.07
CA GLU A 35 8.50 -0.34 0.00
C GLU A 35 9.41 -0.66 1.17
N CYS A 36 8.82 -1.19 2.26
CA CYS A 36 9.62 -1.53 3.41
C CYS A 36 10.42 -2.78 3.07
N ALA A 1 10.34 1.67 5.71
CA ALA A 1 8.97 2.12 5.34
C ALA A 1 7.95 1.08 5.74
N CYS A 2 8.15 0.48 6.93
CA CYS A 2 7.22 -0.53 7.40
C CYS A 2 6.19 0.18 8.21
N LYS A 3 5.02 0.46 7.60
CA LYS A 3 3.97 1.15 8.30
C LYS A 3 2.69 0.84 7.59
N ASP A 4 1.55 0.98 8.31
CA ASP A 4 0.28 0.71 7.70
C ASP A 4 -0.65 1.84 8.07
N ASN A 5 -1.04 2.65 7.07
CA ASN A 5 -1.93 3.76 7.35
C ASN A 5 -3.28 3.37 6.82
N LEU A 6 -3.32 2.25 6.07
CA LEU A 6 -4.56 1.78 5.52
C LEU A 6 -4.66 0.32 5.86
N PRO A 7 -5.88 -0.19 5.85
CA PRO A 7 -6.15 -1.59 6.16
C PRO A 7 -5.56 -2.51 5.14
N ALA A 8 -5.37 -3.76 5.53
CA ALA A 8 -4.79 -4.73 4.63
C ALA A 8 -5.78 -5.00 3.52
N ALA A 9 -7.08 -4.95 3.83
CA ALA A 9 -8.08 -5.22 2.81
C ALA A 9 -7.96 -4.16 1.73
N THR A 10 -7.76 -2.89 2.13
CA THR A 10 -7.65 -1.82 1.14
C THR A 10 -6.31 -1.94 0.47
N CYS A 11 -5.25 -2.14 1.27
CA CYS A 11 -3.91 -2.26 0.70
C CYS A 11 -3.88 -3.45 -0.24
N SER A 12 -4.66 -4.49 0.10
CA SER A 12 -4.69 -5.68 -0.73
C SER A 12 -5.26 -5.30 -2.06
N ASN A 13 -6.34 -4.51 -2.03
CA ASN A 13 -6.97 -4.10 -3.26
C ASN A 13 -6.02 -3.15 -3.95
N VAL A 14 -5.31 -2.36 -3.16
CA VAL A 14 -4.36 -1.41 -3.72
C VAL A 14 -3.30 -2.20 -4.43
N LYS A 15 -2.83 -3.23 -3.78
CA LYS A 15 -1.81 -4.05 -4.36
C LYS A 15 -2.43 -4.83 -5.49
N ALA A 16 -3.67 -5.28 -5.30
CA ALA A 16 -4.34 -6.07 -6.35
C ALA A 16 -4.78 -5.13 -7.44
N ASN A 17 -4.56 -3.83 -7.26
CA ASN A 17 -4.96 -2.87 -8.27
C ASN A 17 -3.72 -2.18 -8.75
N ASN A 18 -2.56 -2.51 -8.14
CA ASN A 18 -1.32 -1.89 -8.54
C ASN A 18 -1.47 -0.39 -8.34
N ASN A 19 -2.19 0.01 -7.27
CA ASN A 19 -2.38 1.42 -7.01
C ASN A 19 -1.18 1.88 -6.22
N CYS A 20 -0.22 0.96 -6.01
CA CYS A 20 0.99 1.29 -5.28
C CYS A 20 1.73 2.36 -6.06
N SER A 21 1.42 2.47 -7.37
CA SER A 21 2.09 3.47 -8.19
C SER A 21 1.60 4.83 -7.73
N SER A 22 0.47 4.85 -6.98
CA SER A 22 -0.06 6.11 -6.50
C SER A 22 0.61 6.41 -5.20
N GLU A 23 0.86 7.70 -4.94
CA GLU A 23 1.51 8.08 -3.70
C GLU A 23 0.47 8.03 -2.62
N LYS A 24 -0.77 7.67 -3.01
CA LYS A 24 -1.83 7.60 -2.06
C LYS A 24 -1.67 6.31 -1.33
N TYR A 25 -0.92 5.35 -1.90
CA TYR A 25 -0.76 4.08 -1.25
C TYR A 25 0.71 3.74 -1.24
N LYS A 26 1.54 4.58 -1.87
CA LYS A 26 2.95 4.33 -1.90
C LYS A 26 3.51 4.63 -0.52
N THR A 27 2.78 5.46 0.27
CA THR A 27 3.26 5.81 1.60
C THR A 27 2.22 5.39 2.61
N ASN A 28 1.13 4.75 2.14
CA ASN A 28 0.08 4.35 3.06
C ASN A 28 0.05 2.84 3.08
N CYS A 29 0.49 2.21 1.98
CA CYS A 29 0.49 0.77 1.91
C CYS A 29 1.85 0.34 1.49
N ALA A 30 2.88 1.01 2.03
CA ALA A 30 4.24 0.69 1.66
C ALA A 30 4.53 -0.74 2.09
N LYS A 31 3.98 -1.16 3.25
CA LYS A 31 4.22 -2.50 3.74
C LYS A 31 3.66 -3.50 2.73
N THR A 32 2.43 -3.24 2.24
CA THR A 32 1.80 -4.16 1.27
C THR A 32 2.50 -3.98 -0.05
N CYS A 33 2.84 -2.73 -0.38
CA CYS A 33 3.49 -2.47 -1.64
C CYS A 33 4.81 -3.21 -1.66
N GLY A 34 5.51 -3.23 -0.51
CA GLY A 34 6.78 -3.94 -0.44
C GLY A 34 7.87 -2.93 -0.47
N GLU A 35 7.51 -1.63 -0.26
CA GLU A 35 8.52 -0.60 -0.27
C GLU A 35 9.44 -0.85 0.89
N CYS A 36 8.85 -1.34 2.02
CA CYS A 36 9.65 -1.62 3.18
C CYS A 36 10.63 -2.75 2.81
N ALA A 1 10.18 -0.78 9.73
CA ALA A 1 10.34 0.49 8.95
C ALA A 1 9.20 0.64 7.97
N CYS A 2 8.02 0.10 8.33
CA CYS A 2 6.88 0.20 7.45
C CYS A 2 5.76 0.78 8.26
N LYS A 3 4.82 1.49 7.58
CA LYS A 3 3.71 2.08 8.28
C LYS A 3 2.47 1.64 7.57
N ASP A 4 1.38 1.42 8.35
CA ASP A 4 0.15 0.99 7.75
C ASP A 4 -0.87 2.04 8.04
N ASN A 5 -1.29 2.79 7.00
CA ASN A 5 -2.29 3.82 7.19
C ASN A 5 -3.58 3.28 6.66
N LEU A 6 -3.50 2.14 5.94
CA LEU A 6 -4.68 1.54 5.40
C LEU A 6 -4.65 0.09 5.79
N PRO A 7 -5.81 -0.51 5.86
CA PRO A 7 -5.94 -1.92 6.23
C PRO A 7 -5.35 -2.83 5.19
N ALA A 8 -5.03 -4.05 5.60
CA ALA A 8 -4.43 -5.00 4.69
C ALA A 8 -5.44 -5.31 3.61
N ALA A 9 -6.73 -5.39 3.97
CA ALA A 9 -7.75 -5.72 2.99
C ALA A 9 -7.74 -4.63 1.92
N THR A 10 -7.62 -3.35 2.34
CA THR A 10 -7.64 -2.27 1.37
C THR A 10 -6.33 -2.28 0.64
N CYS A 11 -5.22 -2.44 1.38
CA CYS A 11 -3.91 -2.43 0.74
C CYS A 11 -3.86 -3.55 -0.26
N SER A 12 -4.51 -4.67 0.07
CA SER A 12 -4.53 -5.82 -0.84
C SER A 12 -5.25 -5.40 -2.08
N ASN A 13 -6.35 -4.67 -1.92
CA ASN A 13 -7.11 -4.23 -3.06
C ASN A 13 -6.31 -3.18 -3.76
N VAL A 14 -5.53 -2.40 -2.99
CA VAL A 14 -4.71 -1.37 -3.56
C VAL A 14 -3.70 -2.03 -4.43
N LYS A 15 -3.12 -3.11 -3.93
CA LYS A 15 -2.14 -3.82 -4.67
C LYS A 15 -2.84 -4.51 -5.82
N ALA A 16 -4.05 -5.02 -5.56
CA ALA A 16 -4.79 -5.72 -6.61
C ALA A 16 -5.33 -4.69 -7.56
N ASN A 17 -5.17 -3.42 -7.22
CA ASN A 17 -5.67 -2.36 -8.09
C ASN A 17 -4.49 -1.75 -8.76
N ASN A 18 -3.27 -2.17 -8.34
CA ASN A 18 -2.06 -1.63 -8.94
C ASN A 18 -1.97 -0.17 -8.55
N ASN A 19 -2.71 0.21 -7.48
CA ASN A 19 -2.69 1.59 -7.04
C ASN A 19 -1.50 1.73 -6.14
N CYS A 20 -0.81 0.59 -5.90
CA CYS A 20 0.37 0.61 -5.04
C CYS A 20 1.46 1.32 -5.81
N SER A 21 1.20 1.61 -7.11
CA SER A 21 2.19 2.29 -7.90
C SER A 21 1.93 3.76 -7.77
N SER A 22 0.89 4.13 -6.98
CA SER A 22 0.56 5.52 -6.79
C SER A 22 1.23 5.95 -5.51
N GLU A 23 1.61 7.24 -5.44
CA GLU A 23 2.26 7.75 -4.25
C GLU A 23 1.20 7.94 -3.21
N LYS A 24 -0.07 7.70 -3.59
CA LYS A 24 -1.14 7.86 -2.68
C LYS A 24 -1.15 6.64 -1.79
N TYR A 25 -0.59 5.51 -2.27
CA TYR A 25 -0.60 4.31 -1.47
C TYR A 25 0.83 3.87 -1.23
N LYS A 26 1.80 4.59 -1.82
CA LYS A 26 3.20 4.22 -1.62
C LYS A 26 3.61 4.74 -0.27
N THR A 27 2.71 5.50 0.39
CA THR A 27 3.03 6.05 1.68
C THR A 27 1.94 5.65 2.63
N ASN A 28 1.04 4.75 2.19
CA ASN A 28 -0.05 4.33 3.04
C ASN A 28 -0.02 2.82 3.09
N CYS A 29 0.43 2.18 1.99
CA CYS A 29 0.48 0.74 1.95
C CYS A 29 1.85 0.37 1.49
N ALA A 30 2.87 0.99 2.07
CA ALA A 30 4.24 0.70 1.67
C ALA A 30 4.53 -0.73 2.07
N LYS A 31 3.75 -1.26 3.02
CA LYS A 31 3.97 -2.62 3.47
C LYS A 31 3.53 -3.56 2.36
N THR A 32 2.40 -3.26 1.73
CA THR A 32 1.89 -4.13 0.67
C THR A 32 2.61 -3.76 -0.60
N CYS A 33 2.89 -2.46 -0.78
CA CYS A 33 3.58 -2.02 -1.98
C CYS A 33 4.94 -2.68 -1.99
N GLY A 34 5.59 -2.78 -0.80
CA GLY A 34 6.89 -3.40 -0.73
C GLY A 34 7.91 -2.32 -0.90
N GLU A 35 7.50 -1.05 -0.68
CA GLU A 35 8.43 0.06 -0.81
C GLU A 35 9.47 -0.09 0.27
N CYS A 36 9.01 -0.51 1.48
CA CYS A 36 9.94 -0.68 2.58
C CYS A 36 10.28 -2.17 2.66
N ALA A 1 7.89 5.14 5.43
CA ALA A 1 7.88 4.18 4.28
C ALA A 1 7.79 2.76 4.81
N CYS A 2 6.98 2.56 5.86
CA CYS A 2 6.84 1.23 6.42
C CYS A 2 5.52 1.20 7.13
N LYS A 3 5.07 -0.03 7.51
CA LYS A 3 3.80 -0.17 8.20
C LYS A 3 2.71 0.17 7.22
N ASP A 4 1.43 0.08 7.66
CA ASP A 4 0.34 0.38 6.78
C ASP A 4 -0.60 1.28 7.52
N ASN A 5 -1.04 2.37 6.86
CA ASN A 5 -1.95 3.31 7.49
C ASN A 5 -3.33 2.92 7.01
N LEU A 6 -3.38 1.96 6.07
CA LEU A 6 -4.64 1.51 5.55
C LEU A 6 -4.75 0.05 5.90
N PRO A 7 -5.97 -0.44 5.93
CA PRO A 7 -6.23 -1.83 6.25
C PRO A 7 -5.67 -2.76 5.23
N ALA A 8 -5.48 -4.01 5.62
CA ALA A 8 -4.91 -4.98 4.71
C ALA A 8 -5.89 -5.19 3.58
N ALA A 9 -7.18 -5.18 3.88
CA ALA A 9 -8.17 -5.39 2.84
C ALA A 9 -8.04 -4.30 1.81
N THR A 10 -7.82 -3.05 2.26
CA THR A 10 -7.70 -1.94 1.32
C THR A 10 -6.37 -2.03 0.63
N CYS A 11 -5.29 -2.25 1.41
CA CYS A 11 -3.96 -2.33 0.82
C CYS A 11 -3.95 -3.48 -0.17
N SER A 12 -4.66 -4.56 0.15
CA SER A 12 -4.69 -5.71 -0.74
C SER A 12 -5.37 -5.28 -2.01
N ASN A 13 -6.43 -4.46 -1.88
CA ASN A 13 -7.14 -4.00 -3.06
C ASN A 13 -6.24 -3.02 -3.76
N VAL A 14 -5.47 -2.24 -2.98
CA VAL A 14 -4.56 -1.27 -3.54
C VAL A 14 -3.54 -2.01 -4.33
N LYS A 15 -3.04 -3.09 -3.77
CA LYS A 15 -2.04 -3.87 -4.44
C LYS A 15 -2.72 -4.58 -5.59
N ALA A 16 -3.98 -5.01 -5.38
CA ALA A 16 -4.70 -5.72 -6.43
C ALA A 16 -5.15 -4.72 -7.45
N ASN A 17 -4.91 -3.43 -7.17
CA ASN A 17 -5.32 -2.41 -8.11
C ASN A 17 -4.08 -1.82 -8.70
N ASN A 18 -2.91 -2.26 -8.19
CA ASN A 18 -1.65 -1.76 -8.70
C ASN A 18 -1.58 -0.29 -8.36
N ASN A 19 -2.37 0.14 -7.34
CA ASN A 19 -2.35 1.53 -6.95
C ASN A 19 -1.21 1.70 -6.02
N CYS A 20 -0.49 0.59 -5.74
CA CYS A 20 0.65 0.64 -4.85
C CYS A 20 1.75 1.39 -5.58
N SER A 21 1.51 1.73 -6.85
CA SER A 21 2.51 2.45 -7.62
C SER A 21 2.17 3.91 -7.49
N SER A 22 1.21 4.24 -6.60
CA SER A 22 0.83 5.62 -6.41
C SER A 22 1.40 6.06 -5.10
N GLU A 23 1.83 7.34 -5.02
CA GLU A 23 2.39 7.85 -3.78
C GLU A 23 1.28 7.94 -2.78
N LYS A 24 0.06 7.71 -3.22
CA LYS A 24 -1.06 7.78 -2.36
C LYS A 24 -1.07 6.53 -1.51
N TYR A 25 -0.40 5.46 -1.98
CA TYR A 25 -0.39 4.23 -1.22
C TYR A 25 1.04 3.81 -0.98
N LYS A 26 2.01 4.54 -1.55
CA LYS A 26 3.40 4.18 -1.34
C LYS A 26 3.80 4.65 0.04
N THR A 27 2.90 5.42 0.69
CA THR A 27 3.20 5.92 2.01
C THR A 27 2.07 5.51 2.93
N ASN A 28 1.14 4.67 2.43
CA ASN A 28 0.04 4.25 3.26
C ASN A 28 0.02 2.74 3.28
N CYS A 29 0.50 2.11 2.17
CA CYS A 29 0.53 0.66 2.12
C CYS A 29 1.90 0.27 1.69
N ALA A 30 2.92 0.86 2.35
CA ALA A 30 4.29 0.56 1.99
C ALA A 30 4.57 -0.90 2.25
N LYS A 31 4.00 -1.45 3.35
CA LYS A 31 4.24 -2.85 3.68
C LYS A 31 3.69 -3.72 2.55
N THR A 32 2.47 -3.40 2.07
CA THR A 32 1.87 -4.20 1.00
C THR A 32 2.59 -3.88 -0.28
N CYS A 33 2.95 -2.60 -0.47
CA CYS A 33 3.65 -2.20 -1.68
C CYS A 33 4.95 -2.95 -1.72
N GLY A 34 5.62 -3.08 -0.56
CA GLY A 34 6.88 -3.79 -0.52
C GLY A 34 7.97 -2.76 -0.50
N GLU A 35 7.59 -1.48 -0.28
CA GLU A 35 8.59 -0.43 -0.23
C GLU A 35 9.45 -0.68 0.97
N CYS A 36 8.82 -1.14 2.07
CA CYS A 36 9.59 -1.42 3.28
C CYS A 36 10.30 -2.75 3.07
N ALA A 1 10.83 2.66 9.30
CA ALA A 1 10.52 3.15 7.93
C ALA A 1 9.41 2.32 7.32
N CYS A 2 8.50 1.81 8.16
CA CYS A 2 7.42 1.01 7.66
C CYS A 2 6.26 1.19 8.60
N LYS A 3 5.06 1.44 8.04
CA LYS A 3 3.90 1.63 8.87
C LYS A 3 2.70 1.33 8.03
N ASP A 4 1.55 1.09 8.69
CA ASP A 4 0.35 0.79 7.96
C ASP A 4 -0.62 1.91 8.23
N ASN A 5 -1.06 2.59 7.15
CA ASN A 5 -2.01 3.68 7.31
C ASN A 5 -3.33 3.20 6.80
N LEU A 6 -3.29 2.09 6.03
CA LEU A 6 -4.51 1.54 5.48
C LEU A 6 -4.52 0.07 5.83
N PRO A 7 -5.70 -0.49 5.86
CA PRO A 7 -5.89 -1.91 6.17
C PRO A 7 -5.34 -2.80 5.11
N ALA A 8 -5.07 -4.04 5.47
CA ALA A 8 -4.51 -4.98 4.53
C ALA A 8 -5.53 -5.24 3.45
N ALA A 9 -6.82 -5.29 3.84
CA ALA A 9 -7.87 -5.56 2.86
C ALA A 9 -7.84 -4.47 1.80
N THR A 10 -7.67 -3.21 2.23
CA THR A 10 -7.66 -2.11 1.27
C THR A 10 -6.35 -2.15 0.54
N CYS A 11 -5.25 -2.36 1.25
CA CYS A 11 -3.94 -2.40 0.61
C CYS A 11 -3.94 -3.54 -0.40
N SER A 12 -4.64 -4.63 -0.07
CA SER A 12 -4.69 -5.78 -0.98
C SER A 12 -5.38 -5.34 -2.23
N ASN A 13 -6.48 -4.59 -2.08
CA ASN A 13 -7.21 -4.13 -3.24
C ASN A 13 -6.37 -3.09 -3.93
N VAL A 14 -5.60 -2.34 -3.15
CA VAL A 14 -4.73 -1.33 -3.71
C VAL A 14 -3.72 -2.02 -4.56
N LYS A 15 -3.18 -3.11 -4.05
CA LYS A 15 -2.19 -3.85 -4.77
C LYS A 15 -2.89 -4.52 -5.93
N ALA A 16 -4.12 -5.00 -5.70
CA ALA A 16 -4.85 -5.68 -6.76
C ALA A 16 -5.34 -4.65 -7.73
N ASN A 17 -5.14 -3.36 -7.39
CA ASN A 17 -5.57 -2.30 -8.28
C ASN A 17 -4.34 -1.70 -8.89
N ASN A 18 -3.15 -2.13 -8.41
CA ASN A 18 -1.90 -1.61 -8.94
C ASN A 18 -1.84 -0.15 -8.57
N ASN A 19 -2.60 0.25 -7.52
CA ASN A 19 -2.59 1.63 -7.10
C ASN A 19 -1.47 1.78 -6.12
N CYS A 20 -0.76 0.66 -5.86
CA CYS A 20 0.36 0.69 -4.94
C CYS A 20 1.45 1.51 -5.59
N SER A 21 1.35 1.73 -6.92
CA SER A 21 2.35 2.50 -7.61
C SER A 21 2.02 3.96 -7.41
N SER A 22 0.81 4.24 -6.86
CA SER A 22 0.41 5.61 -6.63
C SER A 22 1.02 6.03 -5.34
N GLU A 23 1.36 7.32 -5.22
CA GLU A 23 1.96 7.82 -3.98
C GLU A 23 0.86 7.90 -2.96
N LYS A 24 -0.38 7.59 -3.37
CA LYS A 24 -1.47 7.66 -2.46
C LYS A 24 -1.42 6.42 -1.61
N TYR A 25 -0.76 5.35 -2.12
CA TYR A 25 -0.69 4.12 -1.36
C TYR A 25 0.76 3.71 -1.25
N LYS A 26 1.65 4.47 -1.91
CA LYS A 26 3.06 4.13 -1.87
C LYS A 26 3.57 4.50 -0.50
N THR A 27 2.82 5.38 0.22
CA THR A 27 3.27 5.80 1.53
C THR A 27 2.21 5.41 2.53
N ASN A 28 1.21 4.63 2.10
CA ASN A 28 0.15 4.22 3.02
C ASN A 28 0.12 2.71 3.04
N CYS A 29 0.53 2.07 1.93
CA CYS A 29 0.52 0.62 1.87
C CYS A 29 1.88 0.19 1.42
N ALA A 30 2.93 0.80 2.00
CA ALA A 30 4.28 0.44 1.61
C ALA A 30 4.51 -0.99 2.01
N LYS A 31 3.72 -1.48 2.98
CA LYS A 31 3.87 -2.85 3.43
C LYS A 31 3.41 -3.77 2.33
N THR A 32 2.31 -3.41 1.66
CA THR A 32 1.78 -4.26 0.59
C THR A 32 2.50 -3.91 -0.68
N CYS A 33 2.88 -2.63 -0.83
CA CYS A 33 3.58 -2.20 -2.03
C CYS A 33 4.88 -2.97 -2.09
N GLY A 34 5.54 -3.14 -0.92
CA GLY A 34 6.79 -3.87 -0.90
C GLY A 34 7.90 -2.86 -0.76
N GLU A 35 7.52 -1.59 -0.52
CA GLU A 35 8.52 -0.55 -0.37
C GLU A 35 9.27 -0.84 0.90
N CYS A 36 8.54 -1.34 1.93
CA CYS A 36 9.19 -1.66 3.19
C CYS A 36 10.24 -2.74 2.92
#